data_7E8I
#
_entry.id   7E8I
#
_cell.length_a   1.00
_cell.length_b   1.00
_cell.length_c   1.00
_cell.angle_alpha   90.00
_cell.angle_beta   90.00
_cell.angle_gamma   90.00
#
_symmetry.space_group_name_H-M   'P 1'
#
loop_
_entity.id
_entity.type
_entity.pdbx_description
1 polymer 'DNA (145-MER)'
2 polymer 'DNA (145-MER)'
3 polymer 'Histone H3'
4 polymer 'Histone H4'
5 polymer 'Histone H2A'
6 polymer 'Histone H2B 1.1'
7 polymer 'BRCA1-associated RING domain protein 1'
8 polymer Polyubiquitin-B
#
loop_
_entity_poly.entity_id
_entity_poly.type
_entity_poly.pdbx_seq_one_letter_code
_entity_poly.pdbx_strand_id
1 'polydeoxyribonucleotide'
;(DT)(DC)(DG)(DG)(DA)(DT)(DG)(DT)(DA)(DT)(DA)(DT)(DA)(DT)(DC)(DT)(DG)(DA)(DC)(DA)
(DC)(DG)(DT)(DG)(DC)(DC)(DT)(DG)(DG)(DA)(DG)(DA)(DC)(DT)(DA)(DG)(DG)(DG)(DA)(DG)
(DT)(DA)(DA)(DT)(DC)(DC)(DC)(DC)(DT)(DT)(DG)(DG)(DC)(DG)(DG)(DT)(DT)(DA)(DA)(DA)
(DA)(DC)(DG)(DC)(DG)(DG)(DG)(DG)(DG)(DA)(DC)(DA)(DG)(DC)(DG)(DC)(DG)(DT)(DA)(DC)
(DG)(DT)(DG)(DC)(DG)(DT)(DT)(DT)(DA)(DA)(DG)(DC)(DG)(DG)(DT)(DG)(DC)(DT)(DA)(DG)
(DA)(DG)(DC)(DT)(DG)(DT)(DC)(DT)(DA)(DC)(DG)(DA)(DC)(DC)(DA)(DA)(DT)(DT)(DG)(DA)
(DG)(DC)(DG)(DG)(DC)(DC)(DT)(DC)(DG)(DG)(DC)(DA)(DC)(DC)(DG)(DG)(DG)(DA)(DT)(DT)
(DC)(DT)(DC)(DG)(DA)
;
J
2 'polydeoxyribonucleotide'
;(DT)(DC)(DG)(DA)(DG)(DA)(DA)(DT)(DC)(DC)(DC)(DG)(DG)(DT)(DG)(DC)(DC)(DG)(DA)(DG)
(DG)(DC)(DC)(DG)(DC)(DT)(DC)(DA)(DA)(DT)(DT)(DG)(DG)(DT)(DC)(DG)(DT)(DA)(DG)(DA)
(DC)(DA)(DG)(DC)(DT)(DC)(DT)(DA)(DG)(DC)(DA)(DC)(DC)(DG)(DC)(DT)(DT)(DA)(DA)(DA)
(DC)(DG)(DC)(DA)(DC)(DG)(DT)(DA)(DC)(DG)(DC)(DG)(DC)(DT)(DG)(DT)(DC)(DC)(DC)(DC)
(DC)(DG)(DC)(DG)(DT)(DT)(DT)(DT)(DA)(DA)(DC)(DC)(DG)(DC)(DC)(DA)(DA)(DG)(DG)(DG)
(DG)(DA)(DT)(DT)(DA)(DC)(DT)(DC)(DC)(DC)(DT)(DA)(DG)(DT)(DC)(DT)(DC)(DC)(DA)(DG)
(DG)(DC)(DA)(DC)(DG)(DT)(DG)(DT)(DC)(DA)(DG)(DA)(DT)(DA)(DT)(DA)(DT)(DA)(DC)(DA)
(DT)(DC)(DC)(DG)(DA)
;
I
3 'polypeptide(L)'
;ARTKQTARKSTGGKAPRKQLATKAARKSAPATGGVKKPHRYRPGTVALREIRRYQKSTELLIRKLPFQRLVREIAQDFKT
DLRFQSSAVMALQEASEAYLVALFEDTNLCAIHAKRVTIMPKDIQLARRIRGERA
;
A,E
4 'polypeptide(L)'
;SGRGKGGKGLGKGGAKRHRKVLRDNIQGITKPAIRRLARRGGVKRISGLIYEETRGVLKVFLENVIRDAVTYTEHAKRKT
VTAMDVVYALKRQGRTLYGFGG
;
B,F
5 'polypeptide(L)'
;SGRGKQGGKTRAKACTRSSRAGLQFPVGRVHRLLRKGNYAERVGAGAPVYLAAVLEYLTAEILELAGNAARDNKKTRIIP
RHLQLAVRNDEELNKLLGRVTIAQGGVLPNIQSVLLPKKTESSKSAKSK
;
C,G
6 'polypeptide(L)'
;AKSAPAPKKGSKKAVTKTQKKDGKKRRKTRKESYAIYVYKVLKQVHPDTGISSKAMSIMNSFVNDVFERIAGEASRLAHY
NKRSTITSREIQTAVRLLLPGELAKHAVSEGTKAVTKYTSAK
;
D,H
7 'polypeptide(L)'
;GHMNHRGETLLHIASIKGDIPSVEYLLQNGSDPNVKDHAGWTPLHEACNHGHLKVVELLLQHKALVNTTGYQNDSPLHDA
AKNGHVDIVKLLLSYGASRNAVNIFGLRPVDYTDDESMKSLLLLPEKNESSSASHCSVMNTGQRRDGPLVLIGSGLSSEQ
QKMLSELAVILKAKKYTEFDSTVTHVVVPGDAVQSTLKCMLGILNGCWILKFEWVKACLRRKVCEQEEKYEIPEGPRRSR
LNREQLLPKLFDGCYFYLWGTFKHHPKDNLIKLVTAGGGQILSRKPKPDSDVTQTINTVAYHARPDSDQRFCTQYIIYED
LCNYHPERVRQGKVWKAPSSWFIDCVMSFELLPLDS
;
K
8 'polypeptide(L)'
;GHMDYDIPTTMQIFVKTLTGKTITLEVEPSDTIENVKAKIQDKEGIPPDQQRLIFAGKQLEDGRTLSDYNIQKESTLHLV
LRLRGC
;
L
#
loop_
_chem_comp.id
_chem_comp.type
_chem_comp.name
_chem_comp.formula
DA DNA linking 2'-DEOXYADENOSINE-5'-MONOPHOSPHATE 'C10 H14 N5 O6 P'
DC DNA linking 2'-DEOXYCYTIDINE-5'-MONOPHOSPHATE 'C9 H14 N3 O7 P'
DG DNA linking 2'-DEOXYGUANOSINE-5'-MONOPHOSPHATE 'C10 H14 N5 O7 P'
DT DNA linking THYMIDINE-5'-MONOPHOSPHATE 'C10 H15 N2 O8 P'
#
# COMPACT_ATOMS: atom_id res chain seq x y z
N PRO C 38 -12.10 44.37 -21.31
CA PRO C 38 -12.40 45.77 -20.99
C PRO C 38 -12.22 46.03 -19.49
N HIS C 39 -12.65 45.10 -18.65
CA HIS C 39 -12.58 45.26 -17.17
C HIS C 39 -12.18 43.94 -16.53
N ARG C 40 -10.99 43.92 -15.94
CA ARG C 40 -10.22 42.67 -15.82
C ARG C 40 -9.67 42.54 -14.41
N TYR C 41 -10.22 41.60 -13.66
CA TYR C 41 -9.79 41.39 -12.26
C TYR C 41 -8.30 41.06 -12.24
N ARG C 42 -7.52 41.92 -11.60
CA ARG C 42 -6.04 41.78 -11.47
C ARG C 42 -5.68 40.33 -11.12
N PRO C 43 -4.60 39.71 -11.65
CA PRO C 43 -4.32 38.30 -11.31
C PRO C 43 -4.30 38.07 -9.80
N GLY C 44 -5.25 37.28 -9.31
CA GLY C 44 -5.39 37.01 -7.90
C GLY C 44 -6.73 37.40 -7.32
N THR C 45 -7.43 38.37 -7.92
CA THR C 45 -8.73 38.78 -7.41
C THR C 45 -9.77 37.68 -7.60
N VAL C 46 -9.86 37.14 -8.82
CA VAL C 46 -10.78 36.03 -9.05
C VAL C 46 -10.34 34.79 -8.30
N ALA C 47 -9.02 34.62 -8.10
CA ALA C 47 -8.52 33.48 -7.33
C ALA C 47 -9.06 33.51 -5.91
N LEU C 48 -8.96 34.67 -5.24
CA LEU C 48 -9.56 34.80 -3.92
C LEU C 48 -11.08 34.72 -3.97
N ARG C 49 -11.68 35.22 -5.06
CA ARG C 49 -13.13 35.13 -5.21
C ARG C 49 -13.59 33.69 -5.37
N GLU C 50 -12.73 32.82 -5.90
CA GLU C 50 -13.03 31.40 -5.99
C GLU C 50 -12.69 30.65 -4.71
N ILE C 51 -11.67 31.12 -3.97
CA ILE C 51 -11.36 30.53 -2.67
C ILE C 51 -12.52 30.76 -1.72
N ARG C 52 -13.05 31.98 -1.69
CA ARG C 52 -14.19 32.29 -0.84
C ARG C 52 -15.46 31.59 -1.30
N ARG C 53 -15.50 31.09 -2.54
CA ARG C 53 -16.69 30.44 -3.08
C ARG C 53 -16.68 28.94 -2.86
N TYR C 54 -15.59 28.27 -3.21
CA TYR C 54 -15.49 26.82 -3.10
C TYR C 54 -15.23 26.35 -1.68
N GLN C 55 -15.09 27.26 -0.71
CA GLN C 55 -14.95 26.89 0.68
C GLN C 55 -16.26 26.93 1.45
N LYS C 56 -17.20 27.77 1.03
CA LYS C 56 -18.52 27.83 1.65
C LYS C 56 -19.50 26.86 1.04
N SER C 57 -19.13 26.15 -0.01
CA SER C 57 -19.98 25.18 -0.67
C SER C 57 -19.54 23.76 -0.32
N THR C 58 -20.49 22.82 -0.47
CA THR C 58 -20.24 21.42 -0.16
C THR C 58 -20.36 20.51 -1.38
N GLU C 59 -20.73 21.04 -2.54
CA GLU C 59 -20.89 20.22 -3.73
C GLU C 59 -19.55 19.65 -4.17
N LEU C 60 -19.61 18.46 -4.77
CA LEU C 60 -18.39 17.78 -5.19
C LEU C 60 -17.72 18.52 -6.34
N LEU C 61 -16.41 18.73 -6.23
CA LEU C 61 -15.67 19.51 -7.21
C LEU C 61 -15.17 18.68 -8.38
N ILE C 62 -15.14 17.36 -8.25
CA ILE C 62 -14.73 16.48 -9.34
C ILE C 62 -15.98 15.99 -10.05
N ARG C 63 -15.94 15.93 -11.38
CA ARG C 63 -17.06 15.42 -12.15
C ARG C 63 -17.28 13.95 -11.80
N LYS C 64 -18.56 13.58 -11.64
CA LYS C 64 -18.88 12.26 -11.10
C LYS C 64 -18.57 11.14 -12.08
N LEU C 65 -18.89 11.34 -13.36
CA LEU C 65 -18.73 10.27 -14.34
C LEU C 65 -17.26 10.02 -14.67
N PRO C 66 -16.42 11.05 -14.85
CA PRO C 66 -14.99 10.78 -15.01
C PRO C 66 -14.37 10.09 -13.81
N PHE C 67 -14.79 10.45 -12.59
CA PHE C 67 -14.26 9.77 -11.41
C PHE C 67 -14.73 8.32 -11.35
N GLN C 68 -15.98 8.07 -11.75
CA GLN C 68 -16.46 6.70 -11.80
C GLN C 68 -15.66 5.88 -12.81
N ARG C 69 -15.39 6.46 -13.97
CA ARG C 69 -14.58 5.76 -14.97
C ARG C 69 -13.15 5.53 -14.47
N LEU C 70 -12.59 6.49 -13.74
CA LEU C 70 -11.26 6.31 -13.17
C LEU C 70 -11.25 5.20 -12.13
N VAL C 71 -12.29 5.14 -11.31
CA VAL C 71 -12.39 4.08 -10.31
C VAL C 71 -12.48 2.72 -10.99
N ARG C 72 -13.31 2.61 -12.01
CA ARG C 72 -13.42 1.35 -12.75
C ARG C 72 -12.12 1.00 -13.46
N GLU C 73 -11.34 2.01 -13.86
CA GLU C 73 -10.05 1.76 -14.49
C GLU C 73 -8.99 1.33 -13.48
N ILE C 74 -9.13 1.76 -12.22
CA ILE C 74 -8.17 1.38 -11.20
C ILE C 74 -8.52 0.02 -10.60
N ALA C 75 -9.81 -0.22 -10.36
CA ALA C 75 -10.24 -1.48 -9.75
C ALA C 75 -10.10 -2.67 -10.68
N GLN C 76 -9.89 -2.46 -11.98
CA GLN C 76 -9.75 -3.56 -12.91
C GLN C 76 -8.41 -4.27 -12.80
N ASP C 77 -7.49 -3.67 -12.07
CA ASP C 77 -6.15 -4.27 -11.87
C ASP C 77 -6.27 -5.29 -10.74
N PHE C 78 -7.27 -5.11 -9.89
CA PHE C 78 -7.36 -5.85 -8.60
C PHE C 78 -8.37 -6.99 -8.75
N LYS C 79 -9.40 -6.82 -9.60
CA LYS C 79 -10.35 -7.91 -9.90
C LYS C 79 -11.13 -7.58 -11.17
N THR C 80 -11.23 -8.54 -12.08
CA THR C 80 -11.98 -8.34 -13.35
C THR C 80 -13.48 -8.35 -13.09
N ASP C 81 -14.25 -7.60 -13.88
CA ASP C 81 -15.73 -7.63 -13.79
C ASP C 81 -16.21 -7.25 -12.40
N LEU C 82 -15.54 -6.31 -11.75
CA LEU C 82 -16.03 -5.85 -10.43
C LEU C 82 -17.08 -4.78 -10.69
N ARG C 83 -18.22 -4.89 -10.02
CA ARG C 83 -19.27 -3.89 -10.16
C ARG C 83 -19.17 -2.94 -8.98
N PHE C 84 -19.70 -1.74 -9.09
CA PHE C 84 -19.67 -0.72 -8.05
C PHE C 84 -21.08 -0.19 -7.82
N GLN C 85 -21.49 -0.14 -6.55
CA GLN C 85 -22.78 0.44 -6.23
C GLN C 85 -22.81 1.92 -6.58
N SER C 86 -24.03 2.44 -6.78
CA SER C 86 -24.18 3.86 -7.05
C SER C 86 -23.67 4.71 -5.90
N SER C 87 -23.79 4.21 -4.68
CA SER C 87 -23.30 4.92 -3.50
C SER C 87 -21.84 4.60 -3.19
N ALA C 88 -21.29 3.52 -3.75
CA ALA C 88 -19.90 3.19 -3.49
C ALA C 88 -18.96 4.23 -4.10
N VAL C 89 -19.18 4.54 -5.38
CA VAL C 89 -18.34 5.53 -6.05
C VAL C 89 -18.49 6.90 -5.40
N MET C 90 -19.71 7.23 -4.96
CA MET C 90 -19.93 8.50 -4.26
C MET C 90 -19.16 8.53 -2.95
N ALA C 91 -19.23 7.45 -2.18
CA ALA C 91 -18.46 7.38 -0.94
C ALA C 91 -16.97 7.27 -1.23
N LEU C 92 -16.60 6.71 -2.37
CA LEU C 92 -15.20 6.58 -2.74
C LEU C 92 -14.63 7.87 -3.29
N GLN C 93 -15.49 8.86 -3.56
CA GLN C 93 -15.07 10.19 -4.09
C GLN C 93 -15.34 11.25 -3.04
N GLU C 94 -16.34 11.06 -2.18
CA GLU C 94 -16.61 12.03 -1.15
C GLU C 94 -15.45 12.15 -0.17
N ALA C 95 -14.73 11.05 0.05
CA ALA C 95 -13.53 11.05 0.88
C ALA C 95 -12.25 11.09 0.07
N SER C 96 -12.34 11.01 -1.26
CA SER C 96 -11.15 11.10 -2.10
C SER C 96 -10.77 12.54 -2.38
N GLU C 97 -11.74 13.37 -2.77
CA GLU C 97 -11.47 14.79 -2.95
C GLU C 97 -11.33 15.53 -1.63
N ALA C 98 -11.96 15.03 -0.56
CA ALA C 98 -11.71 15.59 0.77
C ALA C 98 -10.31 15.28 1.26
N TYR C 99 -9.64 14.28 0.68
CA TYR C 99 -8.24 14.04 0.97
C TYR C 99 -7.35 14.92 0.10
N LEU C 100 -7.74 15.13 -1.17
CA LEU C 100 -6.98 16.02 -2.03
C LEU C 100 -7.08 17.47 -1.53
N VAL C 101 -8.25 17.85 -1.04
CA VAL C 101 -8.39 19.19 -0.46
C VAL C 101 -7.56 19.31 0.81
N ALA C 102 -7.59 18.26 1.65
CA ALA C 102 -6.77 18.28 2.85
C ALA C 102 -5.29 18.25 2.53
N LEU C 103 -4.90 17.70 1.37
CA LEU C 103 -3.47 17.71 0.94
C LEU C 103 -3.08 19.10 0.49
N PHE C 104 -3.99 19.81 -0.17
CA PHE C 104 -3.65 21.12 -0.77
C PHE C 104 -3.59 22.17 0.34
N GLU C 105 -4.31 22.02 1.43
CA GLU C 105 -4.09 22.95 2.56
C GLU C 105 -2.62 22.86 2.97
N ASP C 106 -2.10 21.65 3.11
CA ASP C 106 -0.71 21.42 3.56
C ASP C 106 0.27 21.86 2.47
N THR C 107 -0.10 21.70 1.20
CA THR C 107 0.79 22.18 0.12
C THR C 107 0.87 23.69 0.18
N ASN C 108 -0.23 24.38 0.47
CA ASN C 108 -0.20 25.83 0.69
C ASN C 108 0.73 26.10 1.86
N LEU C 109 0.52 25.46 3.00
CA LEU C 109 1.32 25.79 4.19
C LEU C 109 2.81 25.60 3.87
N CYS C 110 3.13 24.71 2.92
CA CYS C 110 4.56 24.54 2.53
C CYS C 110 4.98 25.65 1.57
N ALA C 111 4.18 25.96 0.54
CA ALA C 111 4.50 27.05 -0.37
C ALA C 111 4.67 28.37 0.38
N ILE C 112 3.92 28.57 1.45
CA ILE C 112 4.08 29.78 2.25
C ILE C 112 5.35 29.70 3.09
N HIS C 113 5.73 28.49 3.52
CA HIS C 113 6.96 28.32 4.27
C HIS C 113 8.17 28.75 3.44
N ALA C 114 8.16 28.43 2.15
CA ALA C 114 9.23 28.84 1.25
C ALA C 114 9.08 30.29 0.78
N LYS C 115 8.21 31.06 1.43
CA LYS C 115 7.95 32.46 1.06
C LYS C 115 7.51 32.58 -0.39
N ARG C 116 6.49 31.81 -0.74
CA ARG C 116 5.91 31.79 -2.07
C ARG C 116 4.40 31.89 -1.98
N VAL C 117 3.77 32.01 -3.15
CA VAL C 117 2.32 31.99 -3.27
C VAL C 117 1.83 30.79 -4.06
N THR C 118 2.50 30.46 -5.16
CA THR C 118 2.12 29.31 -5.96
C THR C 118 2.64 28.02 -5.32
N ILE C 119 1.87 26.95 -5.47
CA ILE C 119 2.27 25.64 -4.97
C ILE C 119 2.92 24.88 -6.11
N MET C 120 3.96 24.11 -5.78
CA MET C 120 4.73 23.39 -6.79
C MET C 120 4.75 21.91 -6.45
N PRO C 121 5.15 21.03 -7.38
CA PRO C 121 5.20 19.60 -7.05
C PRO C 121 6.07 19.28 -5.85
N LYS C 122 7.15 20.04 -5.62
CA LYS C 122 7.97 19.79 -4.44
C LYS C 122 7.20 20.07 -3.16
N ASP C 123 6.23 20.99 -3.19
CA ASP C 123 5.41 21.25 -2.01
C ASP C 123 4.58 20.02 -1.66
N ILE C 124 3.91 19.42 -2.66
CA ILE C 124 3.12 18.22 -2.41
C ILE C 124 4.02 17.07 -1.98
N GLN C 125 5.19 16.95 -2.60
CA GLN C 125 6.12 15.89 -2.21
C GLN C 125 6.54 16.04 -0.75
N LEU C 126 6.85 17.27 -0.33
CA LEU C 126 7.24 17.50 1.06
C LEU C 126 6.08 17.23 2.01
N ALA C 127 4.87 17.64 1.64
CA ALA C 127 3.71 17.40 2.50
C ALA C 127 3.47 15.90 2.67
N ARG C 128 3.60 15.14 1.58
CA ARG C 128 3.40 13.70 1.67
C ARG C 128 4.52 13.03 2.47
N ARG C 129 5.76 13.50 2.29
CA ARG C 129 6.88 12.93 3.04
C ARG C 129 6.74 13.20 4.53
N ILE C 130 6.27 14.39 4.90
CA ILE C 130 6.08 14.72 6.31
C ILE C 130 4.91 13.93 6.88
N ARG C 131 3.80 13.85 6.14
CA ARG C 131 2.61 13.16 6.63
C ARG C 131 2.78 11.64 6.65
N GLY C 132 3.89 11.12 6.13
CA GLY C 132 4.13 9.69 6.16
C GLY C 132 3.48 8.95 5.01
N GLU C 133 3.65 9.45 3.79
CA GLU C 133 3.07 8.83 2.61
C GLU C 133 4.13 8.63 1.53
N GLY D 13 -10.43 -25.23 -21.21
CA GLY D 13 -10.16 -24.34 -22.36
C GLY D 13 -9.83 -22.92 -21.90
N GLY D 14 -10.47 -21.92 -22.52
CA GLY D 14 -10.24 -20.51 -22.13
C GLY D 14 -11.55 -19.77 -21.92
N ALA D 15 -11.46 -18.53 -21.44
CA ALA D 15 -12.63 -17.73 -21.03
C ALA D 15 -13.51 -17.42 -22.24
N LYS D 16 -12.99 -17.60 -23.46
CA LYS D 16 -13.75 -17.33 -24.72
C LYS D 16 -14.45 -15.98 -24.62
N ARG D 17 -13.80 -14.98 -24.03
CA ARG D 17 -14.41 -13.68 -23.83
C ARG D 17 -13.31 -12.63 -23.76
N HIS D 18 -13.35 -11.68 -24.68
CA HIS D 18 -12.34 -10.58 -24.71
C HIS D 18 -12.54 -9.76 -23.46
N ARG D 19 -11.46 -9.49 -22.72
CA ARG D 19 -11.56 -8.65 -21.50
C ARG D 19 -11.30 -7.19 -21.88
N LYS D 20 -12.37 -6.42 -22.13
CA LYS D 20 -12.20 -5.01 -22.56
C LYS D 20 -11.86 -4.21 -21.31
N VAL D 21 -10.71 -3.56 -21.28
CA VAL D 21 -10.25 -2.82 -20.08
C VAL D 21 -10.11 -1.34 -20.39
N LEU D 22 -10.14 -0.50 -19.37
CA LEU D 22 -9.96 0.92 -19.52
C LEU D 22 -8.51 1.30 -19.25
N ARG D 23 -8.10 2.43 -19.82
CA ARG D 23 -6.73 2.90 -19.64
C ARG D 23 -6.72 4.42 -19.68
N ASP D 24 -5.63 4.99 -19.16
CA ASP D 24 -5.35 6.43 -19.09
C ASP D 24 -6.57 7.28 -18.76
N ASN D 25 -7.40 6.82 -17.82
CA ASN D 25 -8.61 7.58 -17.42
C ASN D 25 -8.27 8.55 -16.31
N ILE D 26 -7.01 8.60 -15.85
CA ILE D 26 -6.63 9.59 -14.86
C ILE D 26 -6.78 11.00 -15.40
N GLN D 27 -6.80 11.16 -16.73
CA GLN D 27 -7.02 12.46 -17.34
C GLN D 27 -8.42 13.00 -17.09
N GLY D 28 -9.35 12.16 -16.62
CA GLY D 28 -10.67 12.63 -16.24
C GLY D 28 -10.65 13.62 -15.09
N ILE D 29 -9.59 13.61 -14.30
CA ILE D 29 -9.40 14.63 -13.25
C ILE D 29 -8.69 15.78 -13.94
N THR D 30 -9.48 16.64 -14.59
CA THR D 30 -8.95 17.64 -15.48
C THR D 30 -8.27 18.77 -14.70
N LYS D 31 -7.63 19.67 -15.46
CA LYS D 31 -6.96 20.81 -14.85
C LYS D 31 -7.91 21.70 -14.06
N PRO D 32 -9.11 22.07 -14.56
CA PRO D 32 -10.00 22.90 -13.74
C PRO D 32 -10.50 22.19 -12.50
N ALA D 33 -10.66 20.87 -12.53
CA ALA D 33 -11.08 20.14 -11.34
C ALA D 33 -10.02 20.23 -10.25
N ILE D 34 -8.76 20.03 -10.62
CA ILE D 34 -7.66 20.12 -9.63
C ILE D 34 -7.63 21.55 -9.10
N ARG D 35 -7.84 22.56 -9.95
CA ARG D 35 -7.80 23.96 -9.50
C ARG D 35 -8.91 24.18 -8.47
N ARG D 36 -10.09 23.60 -8.66
CA ARG D 36 -11.21 23.87 -7.72
C ARG D 36 -10.95 23.12 -6.43
N LEU D 37 -10.34 21.93 -6.48
CA LEU D 37 -9.98 21.24 -5.23
C LEU D 37 -8.95 22.09 -4.49
N ALA D 38 -8.02 22.70 -5.21
CA ALA D 38 -7.00 23.55 -4.59
C ALA D 38 -7.68 24.78 -4.02
N ARG D 39 -8.45 25.49 -4.84
CA ARG D 39 -9.13 26.69 -4.35
C ARG D 39 -9.92 26.39 -3.09
N ARG D 40 -10.57 25.22 -3.03
CA ARG D 40 -11.22 24.81 -1.79
C ARG D 40 -10.20 24.59 -0.69
N GLY D 41 -9.03 24.04 -1.03
CA GLY D 41 -7.98 23.89 -0.03
C GLY D 41 -7.45 25.20 0.48
N GLY D 42 -7.47 26.24 -0.34
CA GLY D 42 -7.00 27.55 0.07
C GLY D 42 -5.86 28.05 -0.78
N VAL D 43 -5.56 27.36 -1.87
CA VAL D 43 -4.45 27.72 -2.73
C VAL D 43 -4.82 28.91 -3.61
N LYS D 44 -3.91 29.86 -3.73
CA LYS D 44 -4.15 31.05 -4.55
C LYS D 44 -3.62 30.89 -5.97
N ARG D 45 -2.33 30.57 -6.11
CA ARG D 45 -1.72 30.32 -7.41
C ARG D 45 -1.28 28.87 -7.51
N ILE D 46 -1.35 28.33 -8.72
CA ILE D 46 -1.13 26.90 -8.95
C ILE D 46 -0.13 26.76 -10.10
N SER D 47 0.99 26.10 -9.84
CA SER D 47 1.96 25.84 -10.88
C SER D 47 1.42 24.80 -11.85
N GLY D 48 1.87 24.89 -13.10
CA GLY D 48 1.39 24.00 -14.15
C GLY D 48 1.89 22.57 -14.02
N LEU D 49 3.00 22.36 -13.31
CA LEU D 49 3.56 21.03 -13.15
C LEU D 49 2.93 20.26 -12.00
N ILE D 50 2.00 20.87 -11.26
CA ILE D 50 1.40 20.20 -10.11
C ILE D 50 0.14 19.42 -10.47
N TYR D 51 -0.43 19.63 -11.66
CA TYR D 51 -1.61 18.87 -12.05
C TYR D 51 -1.27 17.40 -12.25
N GLU D 52 -0.16 17.11 -12.93
CA GLU D 52 0.28 15.73 -13.08
C GLU D 52 0.62 15.12 -11.73
N GLU D 53 1.30 15.87 -10.87
CA GLU D 53 1.59 15.39 -9.53
C GLU D 53 0.31 15.14 -8.75
N THR D 54 -0.67 16.03 -8.88
CA THR D 54 -1.93 15.85 -8.15
C THR D 54 -2.67 14.62 -8.61
N ARG D 55 -2.76 14.41 -9.93
CA ARG D 55 -3.48 13.23 -10.41
C ARG D 55 -2.72 11.95 -10.11
N GLY D 56 -1.39 12.00 -10.07
CA GLY D 56 -0.63 10.83 -9.62
C GLY D 56 -0.87 10.51 -8.17
N VAL D 57 -0.89 11.53 -7.31
CA VAL D 57 -1.20 11.32 -5.90
C VAL D 57 -2.61 10.76 -5.74
N LEU D 58 -3.55 11.26 -6.55
CA LEU D 58 -4.92 10.77 -6.49
C LEU D 58 -5.00 9.31 -6.91
N LYS D 59 -4.30 8.94 -7.98
CA LYS D 59 -4.28 7.55 -8.41
C LYS D 59 -3.66 6.65 -7.35
N VAL D 60 -2.60 7.13 -6.69
CA VAL D 60 -1.98 6.33 -5.63
C VAL D 60 -2.95 6.14 -4.46
N PHE D 61 -3.63 7.22 -4.06
CA PHE D 61 -4.58 7.10 -2.95
C PHE D 61 -5.72 6.16 -3.30
N LEU D 62 -6.23 6.24 -4.53
CA LEU D 62 -7.31 5.35 -4.93
C LEU D 62 -6.85 3.90 -4.98
N GLU D 63 -5.66 3.65 -5.53
CA GLU D 63 -5.12 2.30 -5.54
C GLU D 63 -4.92 1.76 -4.13
N ASN D 64 -4.61 2.65 -3.18
CA ASN D 64 -4.46 2.20 -1.80
C ASN D 64 -5.81 1.97 -1.12
N VAL D 65 -6.85 2.67 -1.56
CA VAL D 65 -8.17 2.52 -0.95
C VAL D 65 -8.99 1.45 -1.66
N ILE D 66 -8.97 1.43 -3.00
CA ILE D 66 -9.76 0.46 -3.73
C ILE D 66 -9.25 -0.96 -3.51
N ARG D 67 -7.93 -1.12 -3.36
CA ARG D 67 -7.38 -2.45 -3.12
C ARG D 67 -7.95 -3.04 -1.83
N ASP D 68 -8.15 -2.22 -0.82
CA ASP D 68 -8.79 -2.70 0.40
C ASP D 68 -10.29 -2.89 0.21
N ALA D 69 -10.91 -2.04 -0.62
CA ALA D 69 -12.33 -2.19 -0.90
C ALA D 69 -12.62 -3.43 -1.73
N VAL D 70 -11.65 -3.86 -2.55
CA VAL D 70 -11.85 -5.06 -3.35
C VAL D 70 -11.69 -6.32 -2.51
N THR D 71 -10.65 -6.37 -1.68
CA THR D 71 -10.45 -7.53 -0.83
C THR D 71 -11.49 -7.64 0.28
N TYR D 72 -12.12 -6.51 0.64
CA TYR D 72 -13.26 -6.59 1.53
C TYR D 72 -14.47 -7.19 0.83
N THR D 73 -14.53 -7.07 -0.50
CA THR D 73 -15.59 -7.65 -1.30
C THR D 73 -15.29 -9.11 -1.67
N GLU D 74 -14.05 -9.40 -2.07
CA GLU D 74 -13.70 -10.76 -2.43
C GLU D 74 -13.83 -11.71 -1.24
N HIS D 75 -13.70 -11.19 -0.02
CA HIS D 75 -13.86 -12.04 1.16
C HIS D 75 -15.32 -12.46 1.34
N ALA D 76 -16.25 -11.53 1.15
CA ALA D 76 -17.67 -11.81 1.27
C ALA D 76 -18.22 -12.58 0.07
N LYS D 77 -17.35 -13.04 -0.82
CA LYS D 77 -17.75 -13.78 -2.02
C LYS D 77 -18.74 -12.99 -2.88
N ARG D 78 -18.58 -11.68 -2.91
CA ARG D 78 -19.40 -10.80 -3.74
C ARG D 78 -18.62 -10.36 -4.97
N LYS D 79 -19.33 -9.72 -5.90
CA LYS D 79 -18.72 -9.17 -7.09
C LYS D 79 -19.07 -7.71 -7.33
N THR D 80 -19.86 -7.09 -6.45
CA THR D 80 -20.18 -5.68 -6.53
C THR D 80 -19.62 -4.99 -5.30
N VAL D 81 -18.69 -4.07 -5.52
CA VAL D 81 -18.07 -3.33 -4.42
C VAL D 81 -19.12 -2.38 -3.86
N THR D 82 -19.67 -2.71 -2.68
CA THR D 82 -20.74 -1.92 -2.10
C THR D 82 -20.18 -0.62 -1.52
N ALA D 83 -21.07 0.15 -0.88
CA ALA D 83 -20.66 1.37 -0.21
C ALA D 83 -20.26 1.15 1.24
N MET D 84 -20.62 0.00 1.82
CA MET D 84 -20.29 -0.28 3.21
C MET D 84 -18.91 -0.91 3.35
N ASP D 85 -18.41 -1.59 2.33
CA ASP D 85 -17.05 -2.12 2.35
C ASP D 85 -16.04 -1.13 1.78
N VAL D 86 -16.48 0.02 1.31
CA VAL D 86 -15.57 1.11 0.96
C VAL D 86 -15.29 1.99 2.17
N VAL D 87 -16.33 2.31 2.94
CA VAL D 87 -16.12 3.02 4.20
C VAL D 87 -15.34 2.13 5.17
N TYR D 88 -15.49 0.81 5.06
CA TYR D 88 -14.67 -0.09 5.86
C TYR D 88 -13.22 -0.08 5.38
N ALA D 89 -13.02 0.07 4.07
CA ALA D 89 -11.67 0.18 3.53
C ALA D 89 -11.02 1.51 3.88
N LEU D 90 -11.82 2.55 4.13
CA LEU D 90 -11.30 3.84 4.52
C LEU D 90 -11.08 3.95 6.02
N LYS D 91 -11.88 3.25 6.82
CA LYS D 91 -11.69 3.24 8.27
C LYS D 91 -10.38 2.57 8.65
N ARG D 92 -9.97 1.54 7.92
CA ARG D 92 -8.72 0.87 8.21
C ARG D 92 -7.53 1.79 8.06
N GLN D 93 -7.55 2.66 7.04
CA GLN D 93 -6.49 3.61 6.79
C GLN D 93 -6.62 4.89 7.61
N GLY D 94 -7.52 4.90 8.60
CA GLY D 94 -7.74 6.08 9.40
C GLY D 94 -8.66 7.11 8.81
N ARG D 95 -8.86 7.11 7.49
CA ARG D 95 -9.71 8.09 6.81
C ARG D 95 -11.17 7.70 7.00
N THR D 96 -11.64 7.82 8.24
CA THR D 96 -13.02 7.47 8.55
C THR D 96 -13.98 8.36 7.77
N LEU D 97 -15.08 7.76 7.30
CA LEU D 97 -16.04 8.44 6.43
C LEU D 97 -17.42 8.34 7.07
N TYR D 98 -17.95 9.47 7.52
CA TYR D 98 -19.29 9.53 8.10
C TYR D 98 -20.30 9.88 7.01
N GLY D 99 -21.42 9.16 7.00
CA GLY D 99 -22.49 9.48 6.08
C GLY D 99 -22.99 8.32 5.24
N PHE D 100 -22.19 7.26 5.15
CA PHE D 100 -22.55 6.10 4.34
C PHE D 100 -22.71 4.84 5.16
N GLY D 101 -22.63 4.94 6.49
CA GLY D 101 -22.79 3.77 7.36
C GLY D 101 -23.93 3.92 8.34
N THR E 10 -4.14 -47.45 22.75
CA THR E 10 -5.26 -46.57 23.06
C THR E 10 -5.05 -45.17 22.49
N ARG E 11 -3.81 -44.90 22.07
CA ARG E 11 -3.46 -43.61 21.52
C ARG E 11 -2.23 -43.76 20.64
N ALA E 12 -2.27 -43.16 19.45
CA ALA E 12 -1.16 -43.23 18.52
C ALA E 12 -0.11 -42.19 18.91
N LYS E 13 0.87 -41.96 18.03
CA LYS E 13 1.90 -40.98 18.29
C LYS E 13 1.31 -39.58 18.36
N ALA E 14 1.90 -38.74 19.21
CA ALA E 14 1.43 -37.37 19.43
C ALA E 14 2.27 -36.42 18.58
N CYS E 15 1.98 -36.40 17.28
CA CYS E 15 2.64 -35.49 16.35
C CYS E 15 1.98 -34.13 16.44
N THR E 16 2.74 -33.13 16.89
CA THR E 16 2.20 -31.80 17.06
C THR E 16 1.81 -31.19 15.73
N ARG E 17 0.87 -30.24 15.77
CA ARG E 17 0.34 -29.65 14.54
C ARG E 17 1.39 -28.80 13.83
N SER E 18 2.37 -28.26 14.56
CA SER E 18 3.39 -27.45 13.92
C SER E 18 4.24 -28.27 12.96
N SER E 19 4.66 -29.47 13.38
CA SER E 19 5.44 -30.33 12.50
C SER E 19 4.59 -30.91 11.38
N ARG E 20 3.27 -31.00 11.57
CA ARG E 20 2.40 -31.52 10.52
C ARG E 20 2.26 -30.54 9.37
N ALA E 21 2.29 -29.24 9.66
CA ALA E 21 2.21 -28.21 8.64
C ALA E 21 3.57 -27.79 8.11
N GLY E 22 4.66 -28.35 8.64
CA GLY E 22 5.99 -28.01 8.20
C GLY E 22 6.54 -26.71 8.73
N LEU E 23 5.72 -25.88 9.37
CA LEU E 23 6.17 -24.59 9.88
C LEU E 23 6.72 -24.74 11.30
N GLN E 24 7.44 -23.72 11.74
CA GLN E 24 8.16 -23.78 13.01
C GLN E 24 7.38 -23.17 14.17
N PHE E 25 6.55 -22.16 13.90
CA PHE E 25 5.82 -21.52 14.99
C PHE E 25 4.78 -22.47 15.58
N PRO E 26 4.40 -22.26 16.84
CA PRO E 26 3.46 -23.19 17.50
C PRO E 26 2.03 -22.97 17.00
N VAL E 27 1.51 -23.95 16.25
CA VAL E 27 0.12 -23.91 15.86
C VAL E 27 -0.78 -23.99 17.08
N GLY E 28 -0.38 -24.78 18.08
CA GLY E 28 -1.18 -24.91 19.28
C GLY E 28 -1.26 -23.62 20.09
N ARG E 29 -0.13 -22.93 20.24
CA ARG E 29 -0.14 -21.68 20.99
C ARG E 29 -0.92 -20.60 20.25
N VAL E 30 -0.78 -20.55 18.91
CA VAL E 30 -1.55 -19.59 18.12
C VAL E 30 -3.04 -19.88 18.25
N HIS E 31 -3.42 -21.16 18.22
CA HIS E 31 -4.82 -21.53 18.39
C HIS E 31 -5.34 -21.15 19.78
N ARG E 32 -4.52 -21.38 20.81
CA ARG E 32 -4.93 -21.02 22.16
C ARG E 32 -5.09 -19.51 22.31
N LEU E 33 -4.18 -18.73 21.72
CA LEU E 33 -4.27 -17.28 21.80
C LEU E 33 -5.37 -16.72 20.91
N LEU E 34 -5.74 -17.42 19.83
CA LEU E 34 -6.81 -16.90 18.95
C LEU E 34 -8.13 -17.14 19.66
N ARG E 35 -8.22 -18.21 20.44
CA ARG E 35 -9.46 -18.55 21.17
C ARG E 35 -9.57 -17.67 22.40
N LYS E 36 -8.45 -17.39 23.08
CA LYS E 36 -8.53 -16.79 24.43
C LYS E 36 -8.42 -15.27 24.34
N GLY E 37 -8.50 -14.72 23.13
CA GLY E 37 -8.42 -13.27 22.97
C GLY E 37 -9.78 -12.70 22.58
N ASN E 38 -10.80 -13.54 22.60
CA ASN E 38 -12.18 -13.11 22.28
C ASN E 38 -12.16 -12.34 20.96
N TYR E 39 -11.57 -12.91 19.92
CA TYR E 39 -11.69 -12.35 18.59
C TYR E 39 -12.94 -12.86 17.88
N ALA E 40 -13.43 -14.04 18.26
CA ALA E 40 -14.67 -14.58 17.71
C ALA E 40 -15.18 -15.62 18.68
N GLU E 41 -16.24 -16.33 18.28
CA GLU E 41 -16.82 -17.37 19.13
C GLU E 41 -16.26 -18.75 18.82
N ARG E 42 -16.11 -19.08 17.54
CA ARG E 42 -15.66 -20.40 17.11
C ARG E 42 -14.44 -20.23 16.21
N VAL E 43 -13.25 -20.27 16.80
CA VAL E 43 -12.03 -20.19 16.02
C VAL E 43 -11.86 -21.47 15.20
N GLY E 44 -11.64 -21.32 13.91
CA GLY E 44 -11.50 -22.46 13.02
C GLY E 44 -10.27 -23.29 13.31
N ALA E 45 -10.11 -24.35 12.53
CA ALA E 45 -8.97 -25.24 12.68
C ALA E 45 -7.81 -24.87 11.77
N GLY E 46 -8.11 -24.42 10.55
CA GLY E 46 -7.06 -23.98 9.65
C GLY E 46 -6.61 -22.56 9.87
N ALA E 47 -7.40 -21.77 10.60
CA ALA E 47 -7.00 -20.39 10.89
C ALA E 47 -5.73 -20.29 11.74
N PRO E 48 -5.56 -21.06 12.83
CA PRO E 48 -4.28 -20.98 13.54
C PRO E 48 -3.10 -21.42 12.70
N VAL E 49 -3.28 -22.43 11.84
CA VAL E 49 -2.19 -22.87 10.97
C VAL E 49 -1.81 -21.75 10.00
N TYR E 50 -2.83 -21.13 9.39
CA TYR E 50 -2.56 -20.04 8.45
C TYR E 50 -1.88 -18.87 9.15
N LEU E 51 -2.35 -18.50 10.34
CA LEU E 51 -1.76 -17.38 11.06
C LEU E 51 -0.34 -17.68 11.51
N ALA E 52 -0.09 -18.91 11.96
CA ALA E 52 1.27 -19.29 12.33
C ALA E 52 2.19 -19.28 11.12
N ALA E 53 1.69 -19.69 9.96
CA ALA E 53 2.50 -19.66 8.76
C ALA E 53 2.83 -18.23 8.35
N VAL E 54 1.85 -17.32 8.45
CA VAL E 54 2.09 -15.92 8.12
C VAL E 54 3.12 -15.32 9.06
N LEU E 55 2.95 -15.58 10.36
CA LEU E 55 3.90 -15.07 11.35
C LEU E 55 5.30 -15.64 11.11
N GLU E 56 5.38 -16.93 10.78
CA GLU E 56 6.68 -17.55 10.54
C GLU E 56 7.34 -16.97 9.30
N TYR E 57 6.56 -16.69 8.25
CA TYR E 57 7.15 -16.09 7.05
C TYR E 57 7.65 -14.67 7.34
N LEU E 58 6.86 -13.87 8.06
CA LEU E 58 7.30 -12.53 8.38
C LEU E 58 8.56 -12.54 9.25
N THR E 59 8.59 -13.43 10.24
CA THR E 59 9.77 -13.56 11.08
C THR E 59 10.98 -14.00 10.26
N ALA E 60 10.78 -14.94 9.33
CA ALA E 60 11.89 -15.41 8.51
C ALA E 60 12.42 -14.30 7.62
N GLU E 61 11.53 -13.49 7.06
CA GLU E 61 11.97 -12.37 6.22
C GLU E 61 12.76 -11.35 7.04
N ILE E 62 12.23 -10.96 8.21
CA ILE E 62 12.92 -9.99 9.04
C ILE E 62 14.27 -10.54 9.49
N LEU E 63 14.33 -11.82 9.82
CA LEU E 63 15.58 -12.41 10.29
C LEU E 63 16.59 -12.53 9.17
N GLU E 64 16.14 -12.86 7.95
CA GLU E 64 17.07 -12.91 6.83
C GLU E 64 17.63 -11.54 6.52
N LEU E 65 16.79 -10.51 6.54
CA LEU E 65 17.29 -9.16 6.30
C LEU E 65 18.21 -8.69 7.42
N ALA E 66 17.91 -9.06 8.67
CA ALA E 66 18.77 -8.68 9.79
C ALA E 66 20.11 -9.40 9.72
N GLY E 67 20.11 -10.67 9.30
CA GLY E 67 21.37 -11.37 9.12
C GLY E 67 22.20 -10.80 7.99
N ASN E 68 21.55 -10.41 6.90
CA ASN E 68 22.27 -9.75 5.81
C ASN E 68 22.83 -8.41 6.25
N ALA E 69 22.12 -7.70 7.13
CA ALA E 69 22.64 -6.43 7.65
C ALA E 69 23.78 -6.67 8.64
N ALA E 70 23.72 -7.77 9.40
CA ALA E 70 24.78 -8.06 10.36
C ALA E 70 26.05 -8.54 9.68
N ARG E 71 25.93 -9.29 8.59
CA ARG E 71 27.11 -9.71 7.85
C ARG E 71 27.84 -8.52 7.24
N ASP E 72 27.12 -7.44 6.92
CA ASP E 72 27.76 -6.25 6.42
C ASP E 72 28.57 -5.54 7.50
N ASN E 73 28.20 -5.71 8.76
CA ASN E 73 28.93 -5.13 9.88
C ASN E 73 29.93 -6.10 10.49
N LYS E 74 30.21 -7.21 9.82
CA LYS E 74 31.17 -8.21 10.30
C LYS E 74 30.81 -8.73 11.68
N LYS E 75 29.51 -8.85 11.94
CA LYS E 75 29.01 -9.38 13.20
C LYS E 75 28.04 -10.51 12.93
N THR E 76 28.00 -11.48 13.84
CA THR E 76 27.09 -12.62 13.73
C THR E 76 25.83 -12.44 14.58
N ARG E 77 25.99 -11.99 15.82
CA ARG E 77 24.84 -11.82 16.70
C ARG E 77 24.00 -10.64 16.23
N ILE E 78 22.69 -10.86 16.12
CA ILE E 78 21.77 -9.82 15.68
C ILE E 78 21.41 -8.92 16.86
N ILE E 79 21.51 -7.62 16.67
CA ILE E 79 21.21 -6.64 17.70
C ILE E 79 20.02 -5.80 17.23
N PRO E 80 19.37 -5.04 18.11
CA PRO E 80 18.28 -4.16 17.65
C PRO E 80 18.68 -3.22 16.52
N ARG E 81 19.94 -2.79 16.47
CA ARG E 81 20.40 -1.95 15.37
C ARG E 81 20.26 -2.69 14.04
N HIS E 82 20.56 -3.98 14.02
CA HIS E 82 20.42 -4.76 12.80
C HIS E 82 18.96 -4.90 12.39
N LEU E 83 18.06 -5.08 13.37
CA LEU E 83 16.65 -5.15 13.04
C LEU E 83 16.14 -3.82 12.48
N GLN E 84 16.61 -2.70 13.03
CA GLN E 84 16.23 -1.40 12.51
C GLN E 84 16.77 -1.19 11.09
N LEU E 85 18.02 -1.59 10.85
CA LEU E 85 18.59 -1.47 9.51
C LEU E 85 17.89 -2.38 8.52
N ALA E 86 17.34 -3.50 8.99
CA ALA E 86 16.68 -4.44 8.09
C ALA E 86 15.27 -4.00 7.77
N VAL E 87 14.51 -3.53 8.76
CA VAL E 87 13.13 -3.13 8.53
C VAL E 87 13.07 -1.84 7.73
N ARG E 88 13.87 -0.84 8.11
CA ARG E 88 13.79 0.46 7.47
C ARG E 88 14.38 0.46 6.06
N ASN E 89 15.17 -0.54 5.70
CA ASN E 89 15.72 -0.63 4.35
C ASN E 89 14.78 -1.34 3.39
N ASP E 90 13.88 -2.17 3.88
CA ASP E 90 12.91 -2.86 3.04
C ASP E 90 11.64 -2.01 2.92
N GLU E 91 11.19 -1.80 1.69
CA GLU E 91 10.03 -0.94 1.46
C GLU E 91 8.77 -1.55 2.07
N GLU E 92 8.54 -2.83 1.84
CA GLU E 92 7.29 -3.46 2.34
C GLU E 92 7.32 -3.55 3.86
N LEU E 93 8.45 -3.97 4.42
CA LEU E 93 8.52 -4.20 5.88
C LEU E 93 8.41 -2.86 6.59
N ASN E 94 8.97 -1.80 6.01
CA ASN E 94 8.85 -0.43 6.59
C ASN E 94 7.39 0.01 6.49
N LYS E 95 6.71 -0.22 5.38
CA LYS E 95 5.29 0.15 5.39
C LYS E 95 4.61 -0.60 6.53
N LEU E 96 4.89 -1.89 6.71
CA LEU E 96 4.20 -2.63 7.81
C LEU E 96 4.52 -1.97 9.15
N LEU E 97 5.79 -1.64 9.42
CA LEU E 97 6.17 -1.24 10.80
C LEU E 97 6.27 0.30 10.90
N GLY E 98 5.63 0.99 9.97
CA GLY E 98 5.83 2.42 9.79
C GLY E 98 5.64 3.21 11.06
N ARG E 99 4.70 2.78 11.88
CA ARG E 99 4.44 3.48 13.16
C ARG E 99 5.06 2.71 14.33
N VAL E 100 6.22 2.06 14.14
CA VAL E 100 6.83 1.20 15.19
C VAL E 100 8.22 1.73 15.52
N THR E 101 8.55 1.89 16.80
CA THR E 101 9.89 2.33 17.20
C THR E 101 10.66 1.12 17.73
N ILE E 102 11.66 0.65 17.01
CA ILE E 102 12.44 -0.52 17.48
C ILE E 102 13.45 0.06 18.45
N ALA E 103 13.29 -0.23 19.74
CA ALA E 103 14.15 0.39 20.77
C ALA E 103 15.61 0.12 20.45
N GLN E 104 16.52 1.00 20.86
CA GLN E 104 17.95 0.78 20.64
C GLN E 104 18.27 0.46 19.18
N GLY E 105 17.52 1.05 18.26
CA GLY E 105 17.70 0.78 16.85
C GLY E 105 18.31 1.94 16.09
N GLY E 106 18.23 3.14 16.65
CA GLY E 106 18.77 4.30 15.96
C GLY E 106 17.95 4.64 14.73
N VAL E 107 18.64 5.19 13.72
CA VAL E 107 18.02 5.57 12.46
C VAL E 107 18.93 5.13 11.32
N LEU E 108 18.46 5.32 10.09
CA LEU E 108 19.25 4.97 8.92
C LEU E 108 20.32 6.02 8.68
N PRO E 109 21.57 5.61 8.40
CA PRO E 109 22.60 6.60 8.10
C PRO E 109 22.41 7.21 6.72
N ASN E 110 21.96 8.46 6.67
CA ASN E 110 21.76 9.16 5.40
C ASN E 110 21.81 10.65 5.64
N ILE E 111 22.56 11.36 4.80
CA ILE E 111 22.66 12.82 4.86
C ILE E 111 22.16 13.38 3.54
N GLN E 112 21.44 14.50 3.60
CA GLN E 112 20.84 15.18 2.42
C GLN E 112 21.93 15.65 1.47
N SER E 113 21.75 15.46 0.16
CA SER E 113 22.75 15.83 -0.83
C SER E 113 23.05 17.32 -0.83
N VAL E 114 22.12 18.15 -0.33
CA VAL E 114 22.37 19.58 -0.29
C VAL E 114 23.24 19.94 0.91
N LEU E 115 23.16 19.17 2.00
CA LEU E 115 23.96 19.46 3.18
C LEU E 115 25.43 19.16 2.95
N LEU E 116 25.73 18.16 2.12
CA LEU E 116 27.13 17.82 1.85
C LEU E 116 27.76 18.89 0.96
N PRO E 117 29.04 19.22 1.17
CA PRO E 117 29.73 20.24 0.36
C PRO E 117 30.01 19.77 -1.06
N ARG F 30 4.43 -18.55 34.84
CA ARG F 30 5.45 -18.61 33.76
C ARG F 30 5.06 -17.65 32.63
N LYS F 31 6.04 -16.92 32.08
CA LYS F 31 5.80 -16.06 30.94
C LYS F 31 6.10 -16.81 29.64
N GLU F 32 5.31 -16.54 28.61
CA GLU F 32 5.46 -17.18 27.32
C GLU F 32 6.06 -16.21 26.31
N SER F 33 6.86 -16.75 25.39
CA SER F 33 7.52 -15.94 24.37
C SER F 33 7.82 -16.84 23.18
N TYR F 34 7.99 -16.18 22.03
CA TYR F 34 8.21 -16.95 20.79
C TYR F 34 9.71 -17.08 20.63
N ALA F 35 10.45 -16.97 21.73
CA ALA F 35 11.92 -16.98 21.60
C ALA F 35 12.37 -18.32 21.04
N ILE F 36 11.88 -19.43 21.60
CA ILE F 36 12.31 -20.78 21.15
C ILE F 36 12.09 -20.87 19.63
N TYR F 37 10.96 -20.36 19.15
CA TYR F 37 10.59 -20.41 17.72
C TYR F 37 11.43 -19.46 16.88
N VAL F 38 11.66 -18.23 17.36
CA VAL F 38 12.42 -17.25 16.53
C VAL F 38 13.85 -17.78 16.39
N TYR F 39 14.38 -18.45 17.40
CA TYR F 39 15.71 -19.07 17.23
C TYR F 39 15.62 -20.15 16.16
N LYS F 40 14.57 -20.96 16.17
CA LYS F 40 14.47 -22.05 15.19
C LYS F 40 14.41 -21.44 13.79
N VAL F 41 13.63 -20.37 13.61
CA VAL F 41 13.48 -19.72 12.29
C VAL F 41 14.82 -19.13 11.86
N LEU F 42 15.59 -18.55 12.78
CA LEU F 42 16.92 -18.00 12.46
C LEU F 42 17.82 -19.15 12.01
N LYS F 43 17.80 -20.28 12.69
CA LYS F 43 18.75 -21.35 12.32
C LYS F 43 18.38 -21.83 10.91
N GLN F 44 17.15 -21.56 10.49
CA GLN F 44 16.73 -21.90 9.13
C GLN F 44 17.18 -20.83 8.14
N VAL F 45 16.94 -19.56 8.46
CA VAL F 45 17.34 -18.50 7.54
C VAL F 45 18.84 -18.24 7.60
N HIS F 46 19.47 -18.49 8.75
CA HIS F 46 20.90 -18.26 8.91
C HIS F 46 21.50 -19.32 9.83
N PRO F 47 22.30 -20.24 9.30
CA PRO F 47 22.86 -21.30 10.15
C PRO F 47 23.78 -20.80 11.25
N ASP F 48 24.64 -19.83 10.95
CA ASP F 48 25.60 -19.30 11.91
C ASP F 48 25.25 -17.83 12.18
N THR F 49 24.34 -17.62 13.12
CA THR F 49 23.88 -16.28 13.47
C THR F 49 23.12 -16.36 14.78
N GLY F 50 23.41 -15.42 15.69
CA GLY F 50 22.73 -15.33 16.96
C GLY F 50 21.84 -14.11 17.05
N ILE F 51 21.16 -14.00 18.19
CA ILE F 51 20.25 -12.89 18.47
C ILE F 51 20.43 -12.51 19.94
N SER F 52 20.65 -11.23 20.19
CA SER F 52 20.84 -10.74 21.55
C SER F 52 19.51 -10.78 22.31
N SER F 53 19.54 -10.53 23.61
CA SER F 53 18.29 -10.62 24.40
C SER F 53 17.35 -9.55 23.89
N LYS F 54 17.85 -8.34 23.68
CA LYS F 54 16.99 -7.23 23.23
C LYS F 54 16.42 -7.51 21.84
N ALA F 55 17.17 -8.10 20.92
CA ALA F 55 16.58 -8.43 19.62
C ALA F 55 15.51 -9.50 19.77
N MET F 56 15.69 -10.48 20.62
CA MET F 56 14.61 -11.48 20.81
C MET F 56 13.40 -10.77 21.39
N SER F 57 13.62 -9.81 22.28
CA SER F 57 12.49 -9.05 22.87
C SER F 57 11.77 -8.25 21.79
N ILE F 58 12.49 -7.71 20.82
CA ILE F 58 11.81 -7.01 19.70
C ILE F 58 11.13 -8.04 18.81
N MET F 59 11.82 -9.09 18.41
CA MET F 59 11.19 -10.04 17.46
C MET F 59 9.97 -10.64 18.14
N ASN F 60 10.02 -10.92 19.43
CA ASN F 60 8.83 -11.44 20.14
C ASN F 60 7.74 -10.38 20.09
N SER F 61 8.05 -9.11 20.29
CA SER F 61 7.05 -8.01 20.22
C SER F 61 6.52 -7.90 18.80
N PHE F 62 7.36 -8.09 17.80
CA PHE F 62 6.85 -8.07 16.40
C PHE F 62 5.86 -9.21 16.22
N VAL F 63 6.19 -10.41 16.70
CA VAL F 63 5.28 -11.56 16.43
C VAL F 63 4.03 -11.33 17.27
N ASN F 64 4.14 -10.72 18.44
CA ASN F 64 2.90 -10.50 19.18
C ASN F 64 2.09 -9.37 18.56
N ASP F 65 2.75 -8.30 18.10
CA ASP F 65 2.04 -7.18 17.52
C ASP F 65 1.38 -7.55 16.20
N VAL F 66 2.09 -8.30 15.35
CA VAL F 66 1.50 -8.72 14.08
C VAL F 66 0.37 -9.72 14.32
N PHE F 67 0.57 -10.62 15.29
CA PHE F 67 -0.51 -11.55 15.66
C PHE F 67 -1.74 -10.79 16.11
N GLU F 68 -1.58 -9.78 16.96
CA GLU F 68 -2.71 -9.00 17.44
C GLU F 68 -3.36 -8.24 16.30
N ARG F 69 -2.56 -7.68 15.39
CA ARG F 69 -3.11 -6.97 14.23
C ARG F 69 -3.99 -7.90 13.40
N ILE F 70 -3.46 -9.06 13.03
CA ILE F 70 -4.20 -9.97 12.17
C ILE F 70 -5.42 -10.54 12.89
N ALA F 71 -5.30 -10.81 14.19
CA ALA F 71 -6.42 -11.34 14.94
C ALA F 71 -7.53 -10.30 15.07
N GLY F 72 -7.18 -9.05 15.36
CA GLY F 72 -8.18 -7.99 15.43
C GLY F 72 -8.81 -7.71 14.09
N GLU F 73 -8.04 -7.81 13.01
CA GLU F 73 -8.61 -7.63 11.68
C GLU F 73 -9.60 -8.73 11.36
N ALA F 74 -9.23 -9.99 11.62
CA ALA F 74 -10.16 -11.10 11.39
C ALA F 74 -11.37 -11.02 12.31
N SER F 75 -11.20 -10.44 13.50
CA SER F 75 -12.35 -10.22 14.38
C SER F 75 -13.29 -9.18 13.77
N ARG F 76 -12.75 -8.04 13.33
CA ARG F 76 -13.55 -7.07 12.61
C ARG F 76 -14.03 -7.59 11.27
N LEU F 77 -13.33 -8.58 10.70
CA LEU F 77 -13.72 -9.13 9.40
C LEU F 77 -14.80 -10.20 9.55
N ALA F 78 -14.83 -10.91 10.68
CA ALA F 78 -15.89 -11.86 10.93
C ALA F 78 -17.18 -11.19 11.38
N HIS F 79 -17.09 -9.99 11.95
CA HIS F 79 -18.28 -9.26 12.38
C HIS F 79 -18.92 -8.46 11.25
N TYR F 80 -18.18 -8.19 10.18
CA TYR F 80 -18.77 -7.46 9.06
C TYR F 80 -19.73 -8.35 8.27
N ASN F 81 -19.37 -9.61 8.08
CA ASN F 81 -20.22 -10.58 7.38
C ASN F 81 -21.16 -11.31 8.33
N LYS F 82 -21.35 -10.79 9.54
CA LYS F 82 -22.21 -11.40 10.56
C LYS F 82 -21.80 -12.83 10.88
N ARG F 83 -20.54 -13.20 10.59
CA ARG F 83 -20.04 -14.53 10.91
C ARG F 83 -19.63 -14.60 12.38
N SER F 84 -19.36 -15.82 12.82
CA SER F 84 -18.86 -16.07 14.17
C SER F 84 -17.70 -17.06 14.18
N THR F 85 -17.10 -17.33 13.02
CA THR F 85 -16.03 -18.32 12.89
C THR F 85 -14.86 -17.69 12.16
N ILE F 86 -13.69 -17.71 12.79
CA ILE F 86 -12.46 -17.26 12.14
C ILE F 86 -11.92 -18.43 11.32
N THR F 87 -12.07 -18.33 10.00
CA THR F 87 -11.65 -19.38 9.09
C THR F 87 -10.32 -19.01 8.45
N SER F 88 -9.71 -19.99 7.76
CA SER F 88 -8.51 -19.72 6.99
C SER F 88 -8.71 -18.59 5.98
N ARG F 89 -9.91 -18.49 5.41
CA ARG F 89 -10.20 -17.44 4.45
C ARG F 89 -10.16 -16.06 5.12
N GLU F 90 -10.66 -15.96 6.34
CA GLU F 90 -10.64 -14.68 7.04
C GLU F 90 -9.22 -14.25 7.38
N ILE F 91 -8.38 -15.20 7.81
CA ILE F 91 -6.99 -14.86 8.07
C ILE F 91 -6.27 -14.49 6.79
N GLN F 92 -6.60 -15.16 5.68
CA GLN F 92 -6.00 -14.83 4.40
C GLN F 92 -6.36 -13.40 3.98
N THR F 93 -7.63 -13.04 4.11
CA THR F 93 -8.04 -11.68 3.79
C THR F 93 -7.42 -10.66 4.75
N ALA F 94 -7.26 -11.03 6.02
CA ALA F 94 -6.65 -10.11 6.98
C ALA F 94 -5.19 -9.85 6.64
N VAL F 95 -4.44 -10.89 6.28
CA VAL F 95 -3.05 -10.68 5.88
C VAL F 95 -2.94 -10.05 4.50
N ARG F 96 -3.99 -10.14 3.69
CA ARG F 96 -4.02 -9.37 2.45
C ARG F 96 -4.28 -7.90 2.70
N LEU F 97 -4.99 -7.58 3.79
CA LEU F 97 -5.31 -6.19 4.10
C LEU F 97 -4.14 -5.50 4.79
N LEU F 98 -3.59 -6.11 5.84
CA LEU F 98 -2.59 -5.45 6.66
C LEU F 98 -1.22 -5.42 5.97
N LEU F 99 -0.75 -6.56 5.50
CA LEU F 99 0.57 -6.62 4.89
C LEU F 99 0.57 -5.90 3.55
N PRO F 100 1.51 -4.99 3.31
CA PRO F 100 1.50 -4.22 2.06
C PRO F 100 2.33 -4.84 0.96
N GLY F 101 1.89 -4.61 -0.28
CA GLY F 101 2.68 -4.97 -1.44
C GLY F 101 2.85 -6.47 -1.61
N GLU F 102 4.01 -6.86 -2.14
CA GLU F 102 4.31 -8.26 -2.40
C GLU F 102 4.45 -9.06 -1.12
N LEU F 103 4.64 -8.39 0.02
CA LEU F 103 4.70 -9.10 1.29
C LEU F 103 3.42 -9.87 1.56
N ALA F 104 2.27 -9.26 1.26
CA ALA F 104 1.00 -9.95 1.43
C ALA F 104 0.85 -11.11 0.46
N LYS F 105 1.27 -10.90 -0.80
CA LYS F 105 1.17 -11.97 -1.79
C LYS F 105 2.05 -13.15 -1.42
N HIS F 106 3.17 -12.90 -0.75
CA HIS F 106 4.04 -14.00 -0.32
C HIS F 106 3.50 -14.68 0.94
N ALA F 107 3.00 -13.89 1.90
CA ALA F 107 2.47 -14.49 3.12
C ALA F 107 1.22 -15.29 2.85
N VAL F 108 0.38 -14.85 1.90
CA VAL F 108 -0.80 -15.62 1.53
C VAL F 108 -0.39 -16.96 0.96
N SER F 109 0.61 -16.97 0.09
CA SER F 109 1.09 -18.23 -0.49
C SER F 109 1.67 -19.15 0.58
N GLU F 110 2.43 -18.58 1.53
CA GLU F 110 2.97 -19.39 2.61
C GLU F 110 1.87 -20.00 3.47
N GLY F 111 0.89 -19.19 3.87
CA GLY F 111 -0.23 -19.69 4.66
C GLY F 111 -1.02 -20.75 3.92
N THR F 112 -1.20 -20.54 2.61
CA THR F 112 -1.92 -21.53 1.75
C THR F 112 -1.13 -22.84 1.72
N LYS F 113 0.15 -22.78 1.33
CA LYS F 113 1.01 -23.99 1.33
C LYS F 113 0.90 -24.71 2.66
N ALA F 114 0.97 -23.99 3.76
CA ALA F 114 0.97 -24.60 5.11
C ALA F 114 -0.38 -25.27 5.40
N VAL F 115 -1.49 -24.54 5.22
CA VAL F 115 -2.79 -25.12 5.54
C VAL F 115 -3.09 -26.30 4.62
N THR F 116 -2.54 -26.31 3.42
CA THR F 116 -2.72 -27.46 2.53
C THR F 116 -2.00 -28.68 3.07
N LYS F 117 -0.76 -28.50 3.56
CA LYS F 117 -0.04 -29.59 4.18
C LYS F 117 -0.65 -30.00 5.51
N TYR F 118 -1.35 -29.09 6.18
CA TYR F 118 -1.99 -29.44 7.44
C TYR F 118 -3.25 -30.29 7.22
N THR F 119 -4.16 -29.81 6.35
CA THR F 119 -5.41 -30.53 6.12
C THR F 119 -5.22 -31.79 5.27
N SER F 120 -4.05 -31.99 4.66
CA SER F 120 -3.77 -33.21 3.91
C SER F 120 -3.09 -34.27 4.75
N ALA F 121 -3.23 -34.21 6.08
CA ALA F 121 -2.60 -35.18 6.97
C ALA F 121 -3.50 -35.47 8.17
N LYS G 37 49.25 27.19 12.23
CA LYS G 37 49.49 26.14 13.21
C LYS G 37 48.24 25.75 14.03
N PRO G 38 47.39 26.69 14.55
CA PRO G 38 46.14 26.30 15.23
C PRO G 38 45.05 25.77 14.28
N HIS G 39 45.10 24.48 13.96
CA HIS G 39 44.16 23.81 13.03
C HIS G 39 42.72 23.98 13.55
N ARG G 40 41.94 24.83 12.88
CA ARG G 40 40.52 25.04 13.28
C ARG G 40 39.63 24.68 12.10
N TYR G 41 38.78 23.66 12.30
CA TYR G 41 37.89 23.15 11.27
C TYR G 41 36.94 24.24 10.79
N ARG G 42 36.60 24.16 9.51
CA ARG G 42 35.66 25.10 8.93
C ARG G 42 34.28 24.91 9.55
N PRO G 43 33.48 25.97 9.67
CA PRO G 43 32.12 25.81 10.19
C PRO G 43 31.25 24.97 9.28
N GLY G 44 30.89 23.77 9.71
CA GLY G 44 30.05 22.91 8.91
C GLY G 44 30.59 21.50 8.71
N THR G 45 31.89 21.30 8.93
CA THR G 45 32.47 19.98 8.77
C THR G 45 32.45 19.16 10.05
N VAL G 46 32.47 19.83 11.21
CA VAL G 46 32.33 19.11 12.47
C VAL G 46 30.90 18.62 12.64
N ALA G 47 29.94 19.39 12.14
CA ALA G 47 28.54 18.95 12.18
C ALA G 47 28.32 17.72 11.31
N LEU G 48 29.02 17.62 10.18
CA LEU G 48 28.87 16.43 9.34
C LEU G 48 29.42 15.18 10.02
N ARG G 49 30.61 15.28 10.62
CA ARG G 49 31.16 14.14 11.33
C ARG G 49 30.42 13.85 12.62
N GLU G 50 29.66 14.82 13.15
CA GLU G 50 28.79 14.57 14.29
C GLU G 50 27.50 13.87 13.85
N ILE G 51 27.01 14.19 12.66
CA ILE G 51 25.88 13.46 12.10
C ILE G 51 26.26 12.03 11.80
N ARG G 52 27.44 11.83 11.21
CA ARG G 52 27.88 10.48 10.85
C ARG G 52 28.14 9.62 12.09
N ARG G 53 28.47 10.25 13.22
CA ARG G 53 28.78 9.50 14.43
C ARG G 53 27.56 9.26 15.31
N TYR G 54 26.48 10.02 15.13
CA TYR G 54 25.26 9.83 15.90
C TYR G 54 24.16 9.12 15.13
N GLN G 55 24.31 8.96 13.81
CA GLN G 55 23.36 8.18 13.03
C GLN G 55 23.70 6.70 13.00
N LYS G 56 24.95 6.34 13.27
CA LYS G 56 25.37 4.94 13.34
C LYS G 56 25.34 4.37 14.74
N SER G 57 25.14 5.21 15.75
CA SER G 57 25.04 4.78 17.14
C SER G 57 23.58 4.63 17.54
N THR G 58 23.35 3.82 18.59
CA THR G 58 22.01 3.56 19.09
C THR G 58 21.82 4.00 20.53
N GLU G 59 22.82 4.59 21.16
CA GLU G 59 22.72 4.98 22.56
C GLU G 59 21.77 6.16 22.70
N LEU G 60 21.21 6.30 23.90
CA LEU G 60 20.31 7.41 24.19
C LEU G 60 21.08 8.71 24.24
N LEU G 61 20.58 9.73 23.53
CA LEU G 61 21.28 10.99 23.40
C LEU G 61 21.01 11.95 24.54
N ILE G 62 19.97 11.74 25.32
CA ILE G 62 19.66 12.54 26.49
C ILE G 62 20.08 11.78 27.73
N ARG G 63 20.71 12.46 28.68
CA ARG G 63 21.13 11.83 29.91
C ARG G 63 19.92 11.28 30.66
N LYS G 64 20.14 10.17 31.36
CA LYS G 64 19.02 9.42 31.93
C LYS G 64 18.40 10.13 33.12
N LEU G 65 19.21 10.72 33.99
CA LEU G 65 18.70 11.31 35.22
C LEU G 65 17.87 12.57 34.97
N PRO G 66 18.30 13.50 34.12
CA PRO G 66 17.42 14.66 33.86
C PRO G 66 16.13 14.30 33.17
N PHE G 67 16.16 13.33 32.24
CA PHE G 67 14.91 12.88 31.62
C PHE G 67 14.02 12.19 32.63
N GLN G 68 14.61 11.45 33.57
CA GLN G 68 13.82 10.81 34.62
C GLN G 68 13.16 11.86 35.51
N ARG G 69 13.90 12.90 35.87
CA ARG G 69 13.33 13.98 36.67
C ARG G 69 12.23 14.70 35.91
N LEU G 70 12.42 14.89 34.60
CA LEU G 70 11.38 15.52 33.78
C LEU G 70 10.11 14.67 33.76
N VAL G 71 10.25 13.36 33.57
CA VAL G 71 9.10 12.49 33.55
C VAL G 71 8.40 12.50 34.91
N ARG G 72 9.17 12.49 35.99
CA ARG G 72 8.57 12.46 37.32
C ARG G 72 7.88 13.78 37.67
N GLU G 73 8.39 14.90 37.16
CA GLU G 73 7.72 16.17 37.41
C GLU G 73 6.54 16.40 36.48
N ILE G 74 6.53 15.74 35.31
CA ILE G 74 5.35 15.80 34.45
C ILE G 74 4.24 14.95 35.03
N ALA G 75 4.57 13.77 35.54
CA ALA G 75 3.60 12.90 36.20
C ALA G 75 3.43 13.26 37.67
N GLN G 76 3.15 14.53 37.93
CA GLN G 76 2.96 15.01 39.29
C GLN G 76 1.63 15.73 39.43
N ASP G 77 1.15 16.30 38.33
CA ASP G 77 -0.17 16.92 38.31
C ASP G 77 -1.28 15.93 38.01
N PHE G 78 -0.96 14.83 37.31
CA PHE G 78 -1.96 13.81 37.03
C PHE G 78 -2.29 13.03 38.30
N LYS G 79 -1.29 12.39 38.89
CA LYS G 79 -1.46 11.66 40.15
C LYS G 79 -0.22 11.87 40.99
N THR G 80 -0.38 12.56 42.12
CA THR G 80 0.75 12.82 43.00
C THR G 80 1.20 11.55 43.70
N ASP G 81 2.47 11.54 44.10
CA ASP G 81 3.10 10.41 44.80
C ASP G 81 2.99 9.13 43.96
N LEU G 82 3.61 9.18 42.78
CA LEU G 82 3.52 8.10 41.77
C LEU G 82 4.92 7.49 41.56
N ARG G 83 4.99 6.17 41.50
CA ARG G 83 6.23 5.44 41.32
C ARG G 83 6.38 5.05 39.85
N PHE G 84 7.63 4.92 39.41
CA PHE G 84 7.93 4.62 38.02
C PHE G 84 8.84 3.40 37.96
N GLN G 85 8.44 2.40 37.18
CA GLN G 85 9.27 1.23 36.98
C GLN G 85 10.57 1.63 36.29
N SER G 86 11.66 0.94 36.65
CA SER G 86 12.97 1.26 36.08
C SER G 86 12.97 1.12 34.57
N SER G 87 12.18 0.19 34.03
CA SER G 87 12.05 0.02 32.59
C SER G 87 10.95 0.88 32.00
N ALA G 88 10.21 1.63 32.82
CA ALA G 88 9.18 2.52 32.30
C ALA G 88 9.76 3.84 31.82
N VAL G 89 10.60 4.47 32.64
CA VAL G 89 11.25 5.71 32.23
C VAL G 89 12.16 5.47 31.04
N MET G 90 12.77 4.29 30.96
CA MET G 90 13.60 3.96 29.80
C MET G 90 12.75 3.79 28.55
N ALA G 91 11.59 3.16 28.68
CA ALA G 91 10.70 3.03 27.53
C ALA G 91 10.17 4.38 27.09
N LEU G 92 9.78 5.23 28.05
CA LEU G 92 9.40 6.60 27.74
C LEU G 92 10.52 7.32 26.99
N GLN G 93 11.76 7.15 27.46
CA GLN G 93 12.89 7.80 26.79
C GLN G 93 13.17 7.16 25.44
N GLU G 94 13.09 5.82 25.36
CA GLU G 94 13.35 5.16 24.09
C GLU G 94 12.34 5.57 23.03
N ALA G 95 11.11 5.92 23.43
CA ALA G 95 10.14 6.40 22.47
C ALA G 95 10.31 7.89 22.21
N SER G 96 10.68 8.65 23.24
CA SER G 96 10.79 10.10 23.11
C SER G 96 11.97 10.50 22.24
N GLU G 97 13.10 9.81 22.37
CA GLU G 97 14.24 10.10 21.50
C GLU G 97 13.89 9.83 20.05
N ALA G 98 13.22 8.71 19.78
CA ALA G 98 12.81 8.39 18.41
C ALA G 98 11.81 9.43 17.88
N TYR G 99 10.91 9.90 18.74
CA TYR G 99 9.95 10.90 18.31
C TYR G 99 10.64 12.22 17.97
N LEU G 100 11.57 12.65 18.83
CA LEU G 100 12.26 13.91 18.57
C LEU G 100 13.22 13.81 17.39
N VAL G 101 13.70 12.60 17.09
CA VAL G 101 14.55 12.42 15.91
C VAL G 101 13.71 12.42 14.64
N ALA G 102 12.57 11.73 14.66
CA ALA G 102 11.68 11.76 13.51
C ALA G 102 11.13 13.15 13.27
N LEU G 103 10.96 13.93 14.33
CA LEU G 103 10.56 15.33 14.17
C LEU G 103 11.70 16.15 13.58
N PHE G 104 12.92 15.92 14.06
CA PHE G 104 14.08 16.61 13.51
C PHE G 104 14.45 16.12 12.12
N GLU G 105 14.00 14.93 11.74
CA GLU G 105 14.18 14.46 10.37
C GLU G 105 13.14 15.06 9.45
N ASP G 106 11.98 15.44 9.97
CA ASP G 106 10.94 16.09 9.19
C ASP G 106 11.08 17.60 9.17
N THR G 107 11.55 18.20 10.27
CA THR G 107 11.76 19.64 10.30
C THR G 107 13.02 20.06 9.58
N ASN G 108 13.91 19.11 9.25
CA ASN G 108 15.07 19.44 8.43
C ASN G 108 14.72 19.49 6.96
N LEU G 109 13.70 18.72 6.54
CA LEU G 109 13.23 18.81 5.16
C LEU G 109 12.49 20.12 4.90
N CYS G 110 11.83 20.67 5.93
CA CYS G 110 11.23 21.98 5.79
C CYS G 110 12.29 23.06 5.66
N ALA G 111 13.39 22.92 6.39
CA ALA G 111 14.48 23.89 6.29
C ALA G 111 15.11 23.86 4.91
N ILE G 112 15.21 22.67 4.29
CA ILE G 112 15.71 22.59 2.93
C ILE G 112 14.66 23.08 1.95
N HIS G 113 13.38 22.94 2.30
CA HIS G 113 12.32 23.42 1.41
C HIS G 113 12.38 24.94 1.25
N ALA G 114 12.72 25.65 2.32
CA ALA G 114 12.85 27.10 2.29
C ALA G 114 14.20 27.56 1.77
N LYS G 115 14.93 26.70 1.07
CA LYS G 115 16.25 27.01 0.51
C LYS G 115 17.23 27.41 1.61
N ARG G 116 17.05 26.85 2.81
CA ARG G 116 17.93 27.10 3.95
C ARG G 116 18.71 25.83 4.29
N VAL G 117 19.56 25.95 5.29
CA VAL G 117 20.29 24.80 5.83
C VAL G 117 20.08 24.64 7.33
N THR G 118 19.69 25.68 8.04
CA THR G 118 19.43 25.60 9.47
C THR G 118 17.93 25.48 9.73
N ILE G 119 17.57 24.80 10.81
CA ILE G 119 16.19 24.66 11.21
C ILE G 119 15.82 25.83 12.11
N MET G 120 14.68 26.45 11.83
CA MET G 120 14.17 27.59 12.57
C MET G 120 12.98 27.16 13.42
N PRO G 121 12.59 27.96 14.42
CA PRO G 121 11.37 27.64 15.17
C PRO G 121 10.11 27.68 14.32
N LYS G 122 10.19 28.15 13.08
CA LYS G 122 9.04 28.25 12.21
C LYS G 122 8.81 27.01 11.36
N ASP G 123 9.76 26.06 11.34
CA ASP G 123 9.57 24.84 10.55
C ASP G 123 9.23 23.62 11.38
N ILE G 124 9.61 23.60 12.66
CA ILE G 124 9.07 22.57 13.56
C ILE G 124 7.56 22.70 13.66
N GLN G 125 7.06 23.93 13.78
CA GLN G 125 5.63 24.16 13.81
C GLN G 125 4.97 23.69 12.52
N LEU G 126 5.64 23.90 11.38
CA LEU G 126 5.10 23.43 10.10
C LEU G 126 5.06 21.91 10.05
N ALA G 127 6.15 21.25 10.46
CA ALA G 127 6.20 19.80 10.43
C ALA G 127 5.21 19.18 11.40
N ARG G 128 4.86 19.89 12.47
CA ARG G 128 3.86 19.40 13.41
C ARG G 128 2.44 19.73 12.98
N ARG G 129 2.25 20.78 12.17
CA ARG G 129 0.92 21.09 11.66
C ARG G 129 0.56 20.20 10.48
N ILE G 130 1.55 19.86 9.64
CA ILE G 130 1.30 18.94 8.53
C ILE G 130 1.04 17.54 9.06
N ARG G 131 1.81 17.11 10.06
CA ARG G 131 1.64 15.79 10.63
C ARG G 131 0.31 15.64 11.37
N GLY G 132 -0.31 16.75 11.77
CA GLY G 132 -1.58 16.69 12.46
C GLY G 132 -1.46 16.79 13.96
N GLU G 133 -0.64 17.71 14.44
CA GLU G 133 -0.47 17.93 15.87
C GLU G 133 -0.78 19.34 16.31
N ARG G 134 -0.98 20.28 15.39
CA ARG G 134 -1.34 21.65 15.75
C ARG G 134 -2.40 22.24 14.84
N ALA G 135 -3.08 21.43 14.04
CA ALA G 135 -4.11 21.93 13.13
C ALA G 135 -5.33 22.42 13.88
N ARG H 19 7.51 11.65 47.32
CA ARG H 19 7.73 12.38 48.57
C ARG H 19 8.40 13.72 48.30
N LYS H 20 9.12 13.81 47.19
CA LYS H 20 9.82 15.03 46.81
C LYS H 20 9.04 15.77 45.75
N VAL H 21 9.00 17.10 45.88
CA VAL H 21 8.31 17.97 44.93
C VAL H 21 9.32 18.47 43.92
N LEU H 22 9.09 18.20 42.63
CA LEU H 22 10.06 18.58 41.57
C LEU H 22 9.50 19.69 40.69
N ARG H 23 10.35 20.59 40.17
CA ARG H 23 9.88 21.71 39.32
C ARG H 23 10.97 22.17 38.34
N ASP H 24 10.57 22.76 37.19
CA ASP H 24 11.53 23.32 36.20
C ASP H 24 12.57 22.30 35.74
N ASN H 25 12.16 21.05 35.50
CA ASN H 25 13.13 19.98 35.15
C ASN H 25 13.18 19.79 33.63
N ILE H 26 12.43 20.60 32.87
CA ILE H 26 12.50 20.52 31.39
C ILE H 26 13.82 21.14 30.95
N GLN H 27 14.39 22.03 31.72
CA GLN H 27 15.72 22.57 31.33
C GLN H 27 16.73 21.43 31.43
N GLY H 28 16.38 20.36 32.15
CA GLY H 28 17.27 19.21 32.19
C GLY H 28 17.57 18.62 30.83
N ILE H 29 16.72 18.89 29.85
CA ILE H 29 16.99 18.53 28.46
C ILE H 29 17.90 19.61 27.89
N THR H 30 19.20 19.43 28.06
CA THR H 30 20.15 20.49 27.79
C THR H 30 20.23 20.80 26.30
N LYS H 31 20.79 21.96 25.99
CA LYS H 31 20.99 22.33 24.59
C LYS H 31 21.87 21.35 23.83
N PRO H 32 23.00 20.85 24.37
CA PRO H 32 23.75 19.83 23.62
C PRO H 32 22.96 18.54 23.40
N ALA H 33 22.03 18.21 24.29
CA ALA H 33 21.20 17.03 24.08
C ALA H 33 20.31 17.22 22.84
N ILE H 34 19.67 18.38 22.73
CA ILE H 34 18.86 18.67 21.55
C ILE H 34 19.74 18.75 20.31
N ARG H 35 20.97 19.24 20.44
CA ARG H 35 21.87 19.27 19.29
C ARG H 35 22.22 17.86 18.85
N ARG H 36 22.44 16.95 19.80
CA ARG H 36 22.72 15.55 19.45
C ARG H 36 21.51 14.91 18.78
N LEU H 37 20.31 15.19 19.30
CA LEU H 37 19.10 14.65 18.68
C LEU H 37 18.93 15.16 17.26
N ALA H 38 19.23 16.44 17.03
CA ALA H 38 19.12 16.99 15.68
C ALA H 38 20.19 16.41 14.76
N ARG H 39 21.41 16.21 15.27
CA ARG H 39 22.45 15.61 14.46
C ARG H 39 22.08 14.18 14.07
N ARG H 40 21.44 13.45 14.99
CA ARG H 40 20.96 12.11 14.65
C ARG H 40 19.85 12.19 13.62
N GLY H 41 18.95 13.16 13.76
CA GLY H 41 17.89 13.34 12.79
C GLY H 41 18.35 13.76 11.41
N GLY H 42 19.57 14.27 11.30
CA GLY H 42 20.11 14.72 10.03
C GLY H 42 20.33 16.22 9.93
N VAL H 43 20.08 16.97 10.99
CA VAL H 43 20.20 18.43 10.95
C VAL H 43 21.68 18.81 11.02
N LYS H 44 22.10 19.68 10.11
CA LYS H 44 23.49 20.16 10.06
C LYS H 44 23.68 21.47 10.81
N ARG H 45 22.70 22.38 10.74
CA ARG H 45 22.77 23.67 11.41
C ARG H 45 21.48 23.88 12.19
N ILE H 46 21.61 24.39 13.41
CA ILE H 46 20.48 24.57 14.32
C ILE H 46 20.42 26.03 14.74
N SER H 47 19.22 26.59 14.75
CA SER H 47 19.03 27.96 15.22
C SER H 47 18.97 27.99 16.74
N GLY H 48 19.28 29.17 17.29
CA GLY H 48 19.29 29.34 18.74
C GLY H 48 17.94 29.25 19.38
N LEU H 49 16.86 29.41 18.61
CA LEU H 49 15.51 29.32 19.14
C LEU H 49 14.93 27.92 19.07
N ILE H 50 15.65 26.97 18.46
CA ILE H 50 15.18 25.59 18.41
C ILE H 50 15.23 24.97 19.80
N TYR H 51 16.22 25.33 20.61
CA TYR H 51 16.39 24.71 21.92
C TYR H 51 15.28 25.08 22.90
N GLU H 52 14.39 26.00 22.55
CA GLU H 52 13.25 26.34 23.39
C GLU H 52 11.93 25.83 22.85
N GLU H 53 11.81 25.70 21.53
CA GLU H 53 10.61 25.10 20.95
C GLU H 53 10.64 23.59 21.02
N THR H 54 11.83 22.99 20.88
CA THR H 54 11.95 21.55 21.00
C THR H 54 11.62 21.08 22.41
N ARG H 55 12.00 21.86 23.42
CA ARG H 55 11.64 21.51 24.79
C ARG H 55 10.13 21.57 24.99
N GLY H 56 9.48 22.56 24.40
CA GLY H 56 8.02 22.62 24.50
C GLY H 56 7.34 21.46 23.80
N VAL H 57 7.82 21.11 22.61
CA VAL H 57 7.27 19.96 21.90
C VAL H 57 7.49 18.67 22.69
N LEU H 58 8.68 18.55 23.30
CA LEU H 58 8.98 17.40 24.14
C LEU H 58 8.05 17.32 25.34
N LYS H 59 7.79 18.47 25.98
CA LYS H 59 6.88 18.47 27.12
C LYS H 59 5.47 18.10 26.69
N VAL H 60 5.05 18.58 25.53
CA VAL H 60 3.71 18.24 25.03
C VAL H 60 3.59 16.74 24.77
N PHE H 61 4.58 16.17 24.08
CA PHE H 61 4.53 14.74 23.78
C PHE H 61 4.61 13.90 25.04
N LEU H 62 5.50 14.26 25.97
CA LEU H 62 5.64 13.51 27.20
C LEU H 62 4.37 13.60 28.05
N GLU H 63 3.72 14.77 28.05
CA GLU H 63 2.44 14.88 28.76
C GLU H 63 1.39 14.00 28.10
N ASN H 64 1.32 14.01 26.77
CA ASN H 64 0.32 13.20 26.07
C ASN H 64 0.50 11.72 26.35
N VAL H 65 1.75 11.26 26.45
CA VAL H 65 1.98 9.83 26.70
C VAL H 65 1.82 9.50 28.18
N ILE H 66 2.28 10.39 29.06
CA ILE H 66 2.28 10.11 30.49
C ILE H 66 0.87 10.19 31.05
N ARG H 67 0.01 11.04 30.49
CA ARG H 67 -1.38 11.06 30.92
C ARG H 67 -2.04 9.71 30.68
N ASP H 68 -1.84 9.14 29.49
CA ASP H 68 -2.41 7.84 29.18
C ASP H 68 -1.79 6.75 30.05
N ALA H 69 -0.47 6.79 30.26
CA ALA H 69 0.16 5.79 31.12
C ALA H 69 -0.38 5.87 32.54
N VAL H 70 -0.55 7.08 33.06
CA VAL H 70 -0.98 7.26 34.44
C VAL H 70 -2.43 6.85 34.61
N THR H 71 -3.28 7.14 33.62
CA THR H 71 -4.66 6.69 33.73
C THR H 71 -4.79 5.18 33.54
N TYR H 72 -3.91 4.58 32.73
CA TYR H 72 -3.84 3.12 32.68
C TYR H 72 -3.49 2.55 34.05
N THR H 73 -2.48 3.12 34.70
CA THR H 73 -2.09 2.66 36.03
C THR H 73 -3.22 2.85 37.03
N GLU H 74 -3.91 3.99 36.95
CA GLU H 74 -5.01 4.25 37.88
C GLU H 74 -6.16 3.28 37.67
N HIS H 75 -6.44 2.91 36.42
CA HIS H 75 -7.44 1.89 36.16
C HIS H 75 -7.00 0.55 36.70
N ALA H 76 -5.72 0.21 36.56
CA ALA H 76 -5.21 -1.02 37.15
C ALA H 76 -5.13 -0.97 38.67
N LYS H 77 -5.56 0.14 39.29
CA LYS H 77 -5.54 0.30 40.74
C LYS H 77 -4.14 0.13 41.32
N ARG H 78 -3.14 0.56 40.56
CA ARG H 78 -1.75 0.53 40.99
C ARG H 78 -1.27 1.94 41.29
N LYS H 79 -0.05 2.01 41.84
CA LYS H 79 0.63 3.29 42.06
C LYS H 79 2.04 3.29 41.48
N THR H 80 2.37 2.32 40.65
CA THR H 80 3.68 2.23 40.00
C THR H 80 3.45 2.12 38.50
N VAL H 81 3.84 3.15 37.76
CA VAL H 81 3.70 3.14 36.31
C VAL H 81 4.69 2.14 35.73
N THR H 82 4.19 0.99 35.31
CA THR H 82 5.05 -0.08 34.83
C THR H 82 5.59 0.25 33.44
N ALA H 83 6.34 -0.69 32.88
CA ALA H 83 6.87 -0.55 31.54
C ALA H 83 5.91 -1.04 30.46
N MET H 84 4.82 -1.70 30.85
CA MET H 84 3.87 -2.23 29.90
C MET H 84 2.75 -1.25 29.59
N ASP H 85 2.24 -0.53 30.59
CA ASP H 85 1.20 0.45 30.32
C ASP H 85 1.76 1.65 29.56
N VAL H 86 3.06 1.92 29.68
CA VAL H 86 3.67 2.95 28.85
C VAL H 86 3.68 2.50 27.39
N VAL H 87 3.99 1.24 27.14
CA VAL H 87 3.93 0.70 25.78
C VAL H 87 2.51 0.74 25.26
N TYR H 88 1.53 0.49 26.13
CA TYR H 88 0.13 0.55 25.72
C TYR H 88 -0.27 1.98 25.39
N ALA H 89 0.19 2.95 26.18
CA ALA H 89 -0.10 4.35 25.89
C ALA H 89 0.54 4.79 24.59
N LEU H 90 1.74 4.30 24.30
CA LEU H 90 2.37 4.58 23.02
C LEU H 90 1.64 3.91 21.87
N LYS H 91 1.03 2.74 22.12
CA LYS H 91 0.27 2.05 21.09
C LYS H 91 -1.01 2.79 20.77
N ARG H 92 -1.63 3.39 21.79
CA ARG H 92 -2.87 4.13 21.57
C ARG H 92 -2.67 5.32 20.65
N GLN H 93 -1.49 5.94 20.69
CA GLN H 93 -1.18 7.09 19.86
C GLN H 93 -0.52 6.71 18.54
N GLY H 94 -0.57 5.44 18.17
CA GLY H 94 0.07 5.01 16.93
C GLY H 94 1.57 5.09 16.95
N ARG H 95 2.19 4.82 18.09
CA ARG H 95 3.64 4.87 18.26
C ARG H 95 4.12 3.65 19.01
N THR H 96 3.68 2.46 18.57
CA THR H 96 4.01 1.21 19.25
C THR H 96 5.52 1.05 19.38
N LEU H 97 5.95 0.72 20.59
CA LEU H 97 7.37 0.63 20.93
C LEU H 97 7.74 -0.82 21.13
N TYR H 98 8.65 -1.32 20.29
CA TYR H 98 9.12 -2.70 20.38
C TYR H 98 10.31 -2.79 21.33
N GLY H 99 10.37 -3.88 22.09
CA GLY H 99 11.49 -4.14 22.97
C GLY H 99 11.16 -4.12 24.44
N PHE H 100 9.94 -3.76 24.83
CA PHE H 100 9.55 -3.70 26.22
C PHE H 100 8.34 -4.55 26.54
N GLY H 101 7.88 -5.38 25.58
CA GLY H 101 6.73 -6.23 25.83
C GLY H 101 7.02 -7.39 26.76
N GLY H 102 8.28 -7.72 26.97
CA GLY H 102 8.64 -8.82 27.86
C GLY H 102 9.66 -9.76 27.24
N LYS I 13 -45.02 -1.56 35.69
CA LYS I 13 -43.71 -1.98 36.21
C LYS I 13 -42.73 -2.23 35.07
N ALA I 14 -43.00 -1.62 33.91
CA ALA I 14 -42.16 -1.76 32.72
C ALA I 14 -41.23 -0.58 32.55
N CYS I 15 -40.71 -0.07 33.67
CA CYS I 15 -39.81 1.12 33.64
C CYS I 15 -38.52 0.78 32.91
N THR I 16 -38.32 1.36 31.72
CA THR I 16 -37.12 1.05 30.95
C THR I 16 -35.88 1.61 31.64
N ARG I 17 -34.73 1.01 31.33
CA ARG I 17 -33.48 1.45 31.95
C ARG I 17 -33.07 2.84 31.50
N SER I 18 -33.44 3.23 30.28
CA SER I 18 -33.10 4.56 29.81
C SER I 18 -33.86 5.65 30.55
N SER I 19 -34.97 5.32 31.20
CA SER I 19 -35.73 6.29 31.98
C SER I 19 -35.31 6.33 33.43
N ARG I 20 -34.69 5.27 33.94
CA ARG I 20 -34.22 5.27 35.33
C ARG I 20 -33.06 6.24 35.50
N ALA I 21 -32.05 6.15 34.63
CA ALA I 21 -30.90 7.04 34.70
C ALA I 21 -31.24 8.46 34.23
N GLY I 22 -32.37 8.65 33.57
CA GLY I 22 -32.70 9.96 33.04
C GLY I 22 -32.06 10.28 31.70
N LEU I 23 -31.61 9.27 30.97
CA LEU I 23 -30.96 9.47 29.69
C LEU I 23 -31.99 9.49 28.57
N GLN I 24 -31.52 9.75 27.35
CA GLN I 24 -32.34 9.67 26.16
C GLN I 24 -31.88 8.61 25.17
N PHE I 25 -30.69 8.06 25.35
CA PHE I 25 -30.11 7.00 24.52
C PHE I 25 -30.49 5.63 25.09
N PRO I 26 -30.56 4.61 24.24
CA PRO I 26 -31.03 3.31 24.71
C PRO I 26 -29.97 2.60 25.54
N VAL I 27 -30.32 2.24 26.78
CA VAL I 27 -29.43 1.44 27.60
C VAL I 27 -29.48 -0.01 27.18
N GLY I 28 -30.68 -0.51 26.85
CA GLY I 28 -30.81 -1.89 26.43
C GLY I 28 -30.11 -2.18 25.12
N ARG I 29 -30.20 -1.25 24.16
CA ARG I 29 -29.53 -1.45 22.88
C ARG I 29 -28.01 -1.39 23.04
N VAL I 30 -27.52 -0.49 23.90
CA VAL I 30 -26.08 -0.44 24.16
C VAL I 30 -25.62 -1.72 24.83
N HIS I 31 -26.42 -2.25 25.75
CA HIS I 31 -26.08 -3.52 26.38
C HIS I 31 -26.05 -4.66 25.37
N ARG I 32 -27.03 -4.69 24.47
CA ARG I 32 -27.05 -5.74 23.44
C ARG I 32 -25.86 -5.62 22.51
N LEU I 33 -25.46 -4.39 22.16
CA LEU I 33 -24.32 -4.22 21.28
C LEU I 33 -23.00 -4.53 21.99
N LEU I 34 -22.95 -4.32 23.30
CA LEU I 34 -21.76 -4.71 24.06
C LEU I 34 -21.67 -6.22 24.21
N ARG I 35 -22.81 -6.90 24.33
CA ARG I 35 -22.81 -8.36 24.43
C ARG I 35 -22.53 -9.01 23.09
N LYS I 36 -23.05 -8.45 22.01
CA LYS I 36 -22.90 -9.05 20.68
C LYS I 36 -21.56 -8.70 20.04
N GLY I 37 -20.99 -7.54 20.38
CA GLY I 37 -19.74 -7.11 19.78
C GLY I 37 -18.54 -7.93 20.15
N ASN I 38 -18.69 -8.90 21.05
CA ASN I 38 -17.59 -9.76 21.49
C ASN I 38 -16.44 -8.94 22.05
N TYR I 39 -16.76 -8.06 22.99
CA TYR I 39 -15.76 -7.22 23.64
C TYR I 39 -15.19 -7.88 24.89
N ALA I 40 -15.98 -8.66 25.61
CA ALA I 40 -15.51 -9.40 26.77
C ALA I 40 -16.46 -10.57 27.01
N GLU I 41 -15.98 -11.53 27.80
CA GLU I 41 -16.80 -12.69 28.13
C GLU I 41 -18.04 -12.27 28.93
N ARG I 42 -17.89 -11.27 29.79
CA ARG I 42 -18.98 -10.80 30.63
C ARG I 42 -19.07 -9.28 30.48
N VAL I 43 -20.25 -8.74 30.77
CA VAL I 43 -20.51 -7.30 30.65
C VAL I 43 -21.23 -6.84 31.90
N GLY I 44 -20.68 -5.81 32.55
CA GLY I 44 -21.28 -5.30 33.75
C GLY I 44 -22.60 -4.62 33.50
N ALA I 45 -23.39 -4.47 34.57
CA ALA I 45 -24.68 -3.80 34.46
C ALA I 45 -24.53 -2.29 34.39
N GLY I 46 -23.44 -1.75 34.93
CA GLY I 46 -23.19 -0.33 34.90
C GLY I 46 -22.44 0.16 33.67
N ALA I 47 -22.04 -0.73 32.77
CA ALA I 47 -21.33 -0.36 31.56
C ALA I 47 -22.28 0.21 30.50
N PRO I 48 -23.43 -0.42 30.21
CA PRO I 48 -24.33 0.19 29.22
C PRO I 48 -24.89 1.53 29.66
N VAL I 49 -25.28 1.65 30.94
CA VAL I 49 -25.80 2.91 31.44
C VAL I 49 -24.72 3.99 31.46
N TYR I 50 -23.46 3.61 31.49
CA TYR I 50 -22.35 4.56 31.40
C TYR I 50 -22.00 4.90 29.97
N LEU I 51 -21.96 3.89 29.09
CA LEU I 51 -21.64 4.14 27.69
C LEU I 51 -22.78 4.88 26.98
N ALA I 52 -24.03 4.58 27.32
CA ALA I 52 -25.15 5.29 26.73
C ALA I 52 -25.27 6.72 27.24
N ALA I 53 -24.60 7.06 28.35
CA ALA I 53 -24.59 8.42 28.84
C ALA I 53 -23.48 9.26 28.22
N VAL I 54 -22.34 8.65 27.91
CA VAL I 54 -21.28 9.36 27.22
C VAL I 54 -21.68 9.64 25.78
N LEU I 55 -22.31 8.66 25.12
CA LEU I 55 -22.83 8.90 23.78
C LEU I 55 -23.95 9.92 23.79
N GLU I 56 -24.76 9.95 24.86
CA GLU I 56 -25.82 10.94 24.96
C GLU I 56 -25.27 12.33 25.21
N TYR I 57 -24.08 12.44 25.80
CA TYR I 57 -23.47 13.75 26.01
C TYR I 57 -22.74 14.23 24.76
N LEU I 58 -21.95 13.35 24.15
CA LEU I 58 -21.26 13.71 22.91
C LEU I 58 -22.25 14.14 21.84
N THR I 59 -23.36 13.41 21.72
CA THR I 59 -24.41 13.80 20.78
C THR I 59 -25.03 15.13 21.17
N ALA I 60 -25.34 15.31 22.45
CA ALA I 60 -25.92 16.55 22.92
C ALA I 60 -24.97 17.74 22.81
N GLU I 61 -23.68 17.48 22.57
CA GLU I 61 -22.72 18.56 22.37
C GLU I 61 -22.54 18.87 20.88
N ILE I 62 -22.36 17.84 20.06
CA ILE I 62 -22.20 18.07 18.64
C ILE I 62 -23.48 18.64 18.03
N LEU I 63 -24.65 18.18 18.52
CA LEU I 63 -25.90 18.73 18.03
C LEU I 63 -26.13 20.15 18.53
N GLU I 64 -25.69 20.45 19.77
CA GLU I 64 -25.77 21.83 20.25
C GLU I 64 -24.94 22.76 19.38
N LEU I 65 -23.71 22.36 19.06
CA LEU I 65 -22.86 23.19 18.22
C LEU I 65 -23.41 23.29 16.81
N ALA I 66 -23.98 22.21 16.28
CA ALA I 66 -24.57 22.26 14.94
C ALA I 66 -25.79 23.16 14.90
N GLY I 67 -26.60 23.13 15.96
CA GLY I 67 -27.74 24.04 16.03
C GLY I 67 -27.31 25.48 16.16
N ASN I 68 -26.23 25.74 16.90
CA ASN I 68 -25.68 27.09 16.96
C ASN I 68 -25.20 27.55 15.59
N ALA I 69 -24.52 26.66 14.86
CA ALA I 69 -24.05 27.02 13.52
C ALA I 69 -25.22 27.27 12.57
N ALA I 70 -26.29 26.48 12.70
CA ALA I 70 -27.46 26.67 11.85
C ALA I 70 -28.18 27.98 12.18
N ARG I 71 -28.22 28.33 13.47
CA ARG I 71 -28.82 29.60 13.86
C ARG I 71 -28.00 30.78 13.35
N ASP I 72 -26.67 30.68 13.44
CA ASP I 72 -25.81 31.72 12.87
C ASP I 72 -25.78 31.69 11.34
N ASN I 73 -26.31 30.64 10.72
CA ASN I 73 -26.41 30.55 9.28
C ASN I 73 -27.83 30.78 8.77
N LYS I 74 -28.73 31.24 9.63
CA LYS I 74 -30.11 31.58 9.25
C LYS I 74 -30.84 30.36 8.67
N LYS I 75 -30.73 29.23 9.36
CA LYS I 75 -31.41 28.01 8.95
C LYS I 75 -31.93 27.28 10.19
N THR I 76 -32.93 26.44 9.97
CA THR I 76 -33.55 25.66 11.04
C THR I 76 -33.49 24.16 10.77
N ARG I 77 -32.53 23.71 9.96
CA ARG I 77 -32.38 22.29 9.65
C ARG I 77 -30.89 21.98 9.57
N ILE I 78 -30.42 21.12 10.47
CA ILE I 78 -29.01 20.77 10.52
C ILE I 78 -28.66 19.94 9.29
N ILE I 79 -27.68 20.39 8.53
CA ILE I 79 -27.22 19.69 7.32
C ILE I 79 -25.80 19.22 7.56
N PRO I 80 -25.25 18.33 6.71
CA PRO I 80 -23.84 17.92 6.89
C PRO I 80 -22.87 19.07 6.97
N ARG I 81 -23.15 20.19 6.28
CA ARG I 81 -22.28 21.36 6.38
C ARG I 81 -22.25 21.90 7.80
N HIS I 82 -23.42 21.96 8.45
CA HIS I 82 -23.47 22.46 9.82
C HIS I 82 -22.75 21.51 10.77
N LEU I 83 -22.87 20.20 10.55
CA LEU I 83 -22.14 19.25 11.38
C LEU I 83 -20.64 19.39 11.19
N GLN I 84 -20.18 19.60 9.96
CA GLN I 84 -18.76 19.81 9.72
C GLN I 84 -18.27 21.08 10.41
N LEU I 85 -19.06 22.17 10.31
CA LEU I 85 -18.68 23.40 10.99
C LEU I 85 -18.61 23.20 12.50
N ALA I 86 -19.59 22.50 13.07
CA ALA I 86 -19.61 22.26 14.51
C ALA I 86 -18.43 21.40 14.95
N VAL I 87 -18.05 20.42 14.13
CA VAL I 87 -16.96 19.53 14.50
C VAL I 87 -15.62 20.24 14.39
N ARG I 88 -15.41 21.01 13.32
CA ARG I 88 -14.13 21.64 13.08
C ARG I 88 -13.96 22.98 13.80
N ASN I 89 -15.03 23.54 14.36
CA ASN I 89 -14.91 24.81 15.07
C ASN I 89 -14.56 24.64 16.55
N ASP I 90 -14.85 23.48 17.14
CA ASP I 90 -14.52 23.23 18.53
C ASP I 90 -13.16 22.55 18.63
N GLU I 91 -12.38 22.95 19.64
CA GLU I 91 -11.04 22.42 19.78
C GLU I 91 -11.05 20.95 20.19
N GLU I 92 -11.95 20.58 21.09
CA GLU I 92 -11.99 19.19 21.55
C GLU I 92 -12.56 18.26 20.49
N LEU I 93 -13.63 18.70 19.80
CA LEU I 93 -14.21 17.85 18.77
C LEU I 93 -13.28 17.69 17.57
N ASN I 94 -12.48 18.71 17.27
CA ASN I 94 -11.54 18.61 16.16
C ASN I 94 -10.40 17.63 16.45
N LYS I 95 -10.13 17.36 17.73
CA LYS I 95 -9.12 16.37 18.09
C LYS I 95 -9.70 14.97 18.16
N LEU I 96 -10.94 14.84 18.66
CA LEU I 96 -11.60 13.54 18.68
C LEU I 96 -11.96 13.10 17.28
N LEU I 97 -12.70 13.93 16.55
CA LEU I 97 -13.06 13.66 15.16
C LEU I 97 -12.06 14.33 14.22
N GLY I 98 -10.78 13.97 14.40
CA GLY I 98 -9.72 14.56 13.62
C GLY I 98 -9.40 13.81 12.35
N ARG I 99 -9.63 12.50 12.35
CA ARG I 99 -9.35 11.66 11.20
C ARG I 99 -10.61 11.36 10.37
N VAL I 100 -11.79 11.75 10.85
CA VAL I 100 -13.01 11.42 10.14
C VAL I 100 -13.21 12.40 8.98
N THR I 101 -14.02 11.96 8.01
CA THR I 101 -14.35 12.76 6.83
C THR I 101 -15.87 12.83 6.73
N ILE I 102 -16.43 13.95 7.18
CA ILE I 102 -17.88 14.13 7.13
C ILE I 102 -18.31 14.34 5.69
N ALA I 103 -19.14 13.44 5.18
CA ALA I 103 -19.60 13.53 3.80
C ALA I 103 -20.44 14.79 3.60
N GLN I 104 -20.22 15.45 2.46
CA GLN I 104 -20.89 16.71 2.14
C GLN I 104 -20.66 17.76 3.22
N GLY I 105 -19.49 17.74 3.84
CA GLY I 105 -19.19 18.63 4.95
C GLY I 105 -18.53 19.92 4.53
N GLY I 106 -17.68 19.86 3.50
CA GLY I 106 -17.00 21.05 3.03
C GLY I 106 -15.72 21.35 3.78
N VAL I 107 -15.36 22.63 3.85
CA VAL I 107 -14.12 23.07 4.47
C VAL I 107 -14.39 24.34 5.26
N LEU I 108 -13.74 24.47 6.41
CA LEU I 108 -13.84 25.69 7.20
C LEU I 108 -13.45 26.90 6.35
N PRO I 109 -14.25 27.96 6.32
CA PRO I 109 -13.87 29.15 5.54
C PRO I 109 -12.72 29.90 6.20
N ASN I 110 -11.53 29.79 5.62
CA ASN I 110 -10.36 30.52 6.13
C ASN I 110 -9.37 30.71 4.99
N ILE I 111 -8.67 31.84 5.05
CA ILE I 111 -7.66 32.19 4.05
C ILE I 111 -6.42 32.67 4.78
N GLN I 112 -5.25 32.25 4.29
CA GLN I 112 -4.00 32.63 4.92
C GLN I 112 -3.75 34.13 4.76
N SER I 113 -3.07 34.71 5.76
CA SER I 113 -2.81 36.14 5.76
C SER I 113 -1.86 36.56 4.64
N VAL I 114 -1.02 35.65 4.16
CA VAL I 114 -0.08 35.98 3.10
C VAL I 114 -0.79 36.15 1.76
N LEU I 115 -1.89 35.42 1.54
CA LEU I 115 -2.61 35.50 0.28
C LEU I 115 -3.48 36.74 0.17
N LEU I 116 -3.92 37.31 1.28
CA LEU I 116 -4.74 38.52 1.24
C LEU I 116 -3.87 39.72 0.90
N PRO I 117 -4.30 40.58 -0.04
CA PRO I 117 -3.55 41.77 -0.43
C PRO I 117 -3.55 42.85 0.64
N THR J 29 -32.49 -8.16 6.62
CA THR J 29 -33.85 -7.89 7.03
C THR J 29 -34.10 -6.40 7.21
N ARG J 30 -33.49 -5.83 8.25
CA ARG J 30 -33.64 -4.40 8.53
C ARG J 30 -32.44 -3.95 9.35
N LYS J 31 -32.17 -2.65 9.28
CA LYS J 31 -31.06 -2.04 9.99
C LYS J 31 -31.55 -1.28 11.23
N GLU J 32 -30.64 -1.12 12.18
CA GLU J 32 -30.91 -0.38 13.41
C GLU J 32 -30.01 0.84 13.48
N SER J 33 -30.54 1.90 14.08
CA SER J 33 -29.80 3.16 14.17
C SER J 33 -30.32 3.95 15.37
N TYR J 34 -29.57 5.00 15.71
CA TYR J 34 -29.94 5.89 16.81
C TYR J 34 -30.72 7.12 16.33
N ALA J 35 -31.47 6.98 15.23
CA ALA J 35 -32.16 8.13 14.65
C ALA J 35 -33.17 8.73 15.63
N ILE J 36 -34.01 7.88 16.23
CA ILE J 36 -35.03 8.40 17.15
C ILE J 36 -34.38 8.99 18.38
N TYR J 37 -33.29 8.41 18.85
CA TYR J 37 -32.63 8.92 20.04
C TYR J 37 -31.90 10.24 19.76
N VAL J 38 -31.28 10.35 18.59
CA VAL J 38 -30.68 11.62 18.19
C VAL J 38 -31.77 12.69 18.05
N TYR J 39 -32.93 12.31 17.52
CA TYR J 39 -34.05 13.24 17.44
C TYR J 39 -34.50 13.69 18.83
N LYS J 40 -34.59 12.75 19.77
CA LYS J 40 -35.03 13.10 21.11
C LYS J 40 -34.01 13.98 21.83
N VAL J 41 -32.72 13.79 21.55
CA VAL J 41 -31.70 14.65 22.13
C VAL J 41 -31.77 16.05 21.50
N LEU J 42 -31.96 16.10 20.18
CA LEU J 42 -32.06 17.39 19.50
C LEU J 42 -33.29 18.17 19.94
N LYS J 43 -34.40 17.47 20.23
CA LYS J 43 -35.61 18.15 20.67
C LYS J 43 -35.45 18.80 22.04
N GLN J 44 -34.50 18.34 22.86
CA GLN J 44 -34.27 18.95 24.15
C GLN J 44 -33.08 19.91 24.16
N VAL J 45 -32.13 19.76 23.23
CA VAL J 45 -31.04 20.72 23.14
C VAL J 45 -31.35 21.83 22.14
N HIS J 46 -32.25 21.60 21.19
CA HIS J 46 -32.66 22.63 20.23
C HIS J 46 -34.10 22.36 19.84
N PRO J 47 -35.06 22.87 20.62
CA PRO J 47 -36.46 22.52 20.39
C PRO J 47 -37.02 23.04 19.07
N ASP J 48 -36.45 24.09 18.50
CA ASP J 48 -36.94 24.66 17.25
C ASP J 48 -36.14 24.20 16.03
N THR J 49 -34.98 23.60 16.23
CA THR J 49 -34.11 23.19 15.14
C THR J 49 -34.32 21.73 14.81
N GLY J 50 -34.51 21.43 13.52
CA GLY J 50 -34.61 20.07 13.05
C GLY J 50 -33.31 19.57 12.44
N ILE J 51 -33.36 18.35 11.93
CA ILE J 51 -32.20 17.70 11.33
C ILE J 51 -32.59 17.14 9.97
N SER J 52 -31.60 16.99 9.10
CA SER J 52 -31.81 16.46 7.77
C SER J 52 -31.69 14.94 7.79
N SER J 53 -31.65 14.32 6.62
CA SER J 53 -31.45 12.87 6.51
C SER J 53 -29.97 12.52 6.39
N LYS J 54 -29.25 13.20 5.49
CA LYS J 54 -27.82 12.98 5.38
C LYS J 54 -27.09 13.37 6.65
N ALA J 55 -27.56 14.42 7.34
CA ALA J 55 -26.99 14.79 8.63
C ALA J 55 -27.40 13.81 9.72
N MET J 56 -28.53 13.13 9.56
CA MET J 56 -28.91 12.10 10.53
C MET J 56 -28.08 10.85 10.35
N SER J 57 -27.78 10.47 9.10
CA SER J 57 -26.89 9.33 8.87
C SER J 57 -25.50 9.61 9.39
N ILE J 58 -25.04 10.86 9.29
CA ILE J 58 -23.72 11.20 9.81
C ILE J 58 -23.71 11.09 11.33
N MET J 59 -24.77 11.53 12.00
CA MET J 59 -24.84 11.39 13.44
C MET J 59 -24.94 9.93 13.85
N ASN J 60 -25.65 9.12 13.07
CA ASN J 60 -25.75 7.69 13.36
C ASN J 60 -24.40 7.00 13.20
N SER J 61 -23.62 7.40 12.20
CA SER J 61 -22.29 6.84 12.03
C SER J 61 -21.34 7.36 13.09
N PHE J 62 -21.57 8.57 13.59
CA PHE J 62 -20.72 9.12 14.65
C PHE J 62 -20.96 8.41 15.97
N VAL J 63 -22.23 8.17 16.32
CA VAL J 63 -22.53 7.44 17.55
C VAL J 63 -22.03 6.00 17.44
N ASN J 64 -22.16 5.40 16.26
CA ASN J 64 -21.65 4.06 16.04
C ASN J 64 -20.13 4.00 16.00
N ASP J 65 -19.46 5.13 15.82
CA ASP J 65 -18.00 5.16 15.81
C ASP J 65 -17.42 5.41 17.19
N VAL J 66 -18.02 6.32 17.96
CA VAL J 66 -17.57 6.53 19.33
C VAL J 66 -17.88 5.30 20.18
N PHE J 67 -18.95 4.57 19.84
CA PHE J 67 -19.22 3.31 20.52
C PHE J 67 -18.08 2.32 20.31
N GLU J 68 -17.67 2.11 19.05
CA GLU J 68 -16.58 1.20 18.76
C GLU J 68 -15.24 1.70 19.27
N ARG J 69 -15.14 2.96 19.66
CA ARG J 69 -13.90 3.47 20.24
C ARG J 69 -13.86 3.23 21.74
N ILE J 70 -14.96 3.51 22.44
CA ILE J 70 -15.01 3.30 23.88
C ILE J 70 -15.12 1.82 24.20
N ALA J 71 -15.95 1.08 23.45
CA ALA J 71 -16.03 -0.35 23.66
C ALA J 71 -14.79 -1.06 23.15
N GLY J 72 -14.19 -0.55 22.06
CA GLY J 72 -12.94 -1.11 21.58
C GLY J 72 -11.79 -0.91 22.55
N GLU J 73 -11.80 0.21 23.28
CA GLU J 73 -10.80 0.42 24.32
C GLU J 73 -11.14 -0.34 25.59
N ALA J 74 -12.42 -0.61 25.83
CA ALA J 74 -12.80 -1.42 26.99
C ALA J 74 -12.30 -2.85 26.85
N SER J 75 -12.41 -3.43 25.66
CA SER J 75 -11.85 -4.78 25.50
C SER J 75 -10.39 -4.72 25.92
N ARG J 76 -9.65 -3.75 25.39
CA ARG J 76 -8.20 -3.70 25.67
C ARG J 76 -8.01 -3.50 27.17
N LEU J 77 -8.76 -2.62 27.83
CA LEU J 77 -8.47 -2.41 29.27
C LEU J 77 -8.72 -3.71 30.01
N ALA J 78 -9.79 -4.41 29.68
CA ALA J 78 -10.14 -5.67 30.38
C ALA J 78 -9.00 -6.66 30.18
N HIS J 79 -8.51 -6.81 28.96
CA HIS J 79 -7.45 -7.82 28.76
C HIS J 79 -6.19 -7.40 29.49
N TYR J 80 -5.84 -6.12 29.45
CA TYR J 80 -4.56 -5.65 30.04
C TYR J 80 -4.53 -5.94 31.54
N ASN J 81 -5.69 -6.10 32.17
CA ASN J 81 -5.77 -6.44 33.59
C ASN J 81 -6.27 -7.85 33.82
N LYS J 82 -6.31 -8.69 32.79
CA LYS J 82 -6.77 -10.07 32.87
C LYS J 82 -8.20 -10.19 33.39
N ARG J 83 -9.00 -9.14 33.21
CA ARG J 83 -10.40 -9.17 33.60
C ARG J 83 -11.25 -9.77 32.49
N SER J 84 -12.41 -10.28 32.86
CA SER J 84 -13.35 -10.88 31.92
C SER J 84 -14.62 -10.08 31.75
N THR J 85 -14.88 -9.08 32.60
CA THR J 85 -16.08 -8.28 32.53
C THR J 85 -15.73 -6.83 32.22
N ILE J 86 -16.72 -6.10 31.71
CA ILE J 86 -16.60 -4.69 31.41
C ILE J 86 -17.50 -3.96 32.39
N THR J 87 -16.92 -3.42 33.45
CA THR J 87 -17.69 -2.71 34.47
C THR J 87 -17.74 -1.22 34.12
N SER J 88 -18.21 -0.40 35.07
CA SER J 88 -18.27 1.03 34.84
C SER J 88 -16.88 1.65 34.83
N ARG J 89 -15.93 1.05 35.53
CA ARG J 89 -14.57 1.59 35.56
C ARG J 89 -13.88 1.42 34.21
N GLU J 90 -14.06 0.27 33.57
CA GLU J 90 -13.43 0.01 32.28
C GLU J 90 -14.07 0.79 31.14
N ILE J 91 -15.18 1.47 31.39
CA ILE J 91 -15.76 2.39 30.43
C ILE J 91 -15.36 3.84 30.73
N GLN J 92 -15.21 4.16 32.01
CA GLN J 92 -14.81 5.52 32.44
C GLN J 92 -13.38 5.74 31.99
N THR J 93 -12.53 4.76 32.23
CA THR J 93 -11.11 4.86 31.81
C THR J 93 -11.04 4.97 30.29
N ALA J 94 -11.93 4.31 29.54
CA ALA J 94 -11.80 4.44 28.07
C ALA J 94 -12.27 5.82 27.64
N VAL J 95 -13.27 6.38 28.31
CA VAL J 95 -13.69 7.77 27.99
C VAL J 95 -12.50 8.68 28.27
N ARG J 96 -11.83 8.48 29.39
CA ARG J 96 -10.69 9.33 29.77
C ARG J 96 -9.59 9.18 28.73
N LEU J 97 -9.40 7.98 28.20
CA LEU J 97 -8.28 7.77 27.24
C LEU J 97 -8.65 8.38 25.89
N LEU J 98 -9.79 8.01 25.31
CA LEU J 98 -10.12 8.44 23.93
C LEU J 98 -10.63 9.87 23.87
N LEU J 99 -11.53 10.27 24.75
CA LEU J 99 -12.12 11.63 24.60
C LEU J 99 -11.08 12.67 24.96
N PRO J 100 -10.98 13.79 24.23
CA PRO J 100 -9.92 14.77 24.45
C PRO J 100 -10.13 15.91 25.44
N GLY J 101 -9.53 15.82 26.63
CA GLY J 101 -9.56 16.96 27.57
C GLY J 101 -10.86 17.25 28.26
N GLU J 102 -11.48 18.38 27.94
CA GLU J 102 -12.70 18.85 28.65
C GLU J 102 -13.87 17.93 28.32
N LEU J 103 -13.90 17.41 27.10
CA LEU J 103 -14.99 16.51 26.71
C LEU J 103 -14.93 15.32 27.66
N ALA J 104 -13.74 14.78 27.91
CA ALA J 104 -13.57 13.63 28.82
C ALA J 104 -13.95 14.04 30.25
N LYS J 105 -13.57 15.23 30.67
CA LYS J 105 -13.89 15.67 32.05
C LYS J 105 -15.40 15.73 32.23
N HIS J 106 -16.14 16.14 31.19
CA HIS J 106 -17.62 16.28 31.33
C HIS J 106 -18.30 14.93 31.10
N ALA J 107 -17.79 14.12 30.18
CA ALA J 107 -18.37 12.83 29.84
C ALA J 107 -18.36 11.88 31.04
N VAL J 108 -17.25 11.86 31.79
CA VAL J 108 -17.22 11.00 32.96
C VAL J 108 -18.17 11.50 34.03
N SER J 109 -18.37 12.82 34.11
CA SER J 109 -19.35 13.37 35.05
C SER J 109 -20.76 12.93 34.67
N GLU J 110 -21.09 13.02 33.38
CA GLU J 110 -22.41 12.58 32.92
C GLU J 110 -22.60 11.08 33.15
N GLY J 111 -21.56 10.28 32.89
CA GLY J 111 -21.67 8.86 33.12
C GLY J 111 -21.84 8.51 34.58
N THR J 112 -21.09 9.18 35.47
CA THR J 112 -21.24 8.94 36.89
C THR J 112 -22.62 9.36 37.38
N LYS J 113 -23.13 10.48 36.87
CA LYS J 113 -24.48 10.91 37.25
C LYS J 113 -25.52 9.90 36.79
N ALA J 114 -25.36 9.37 35.57
CA ALA J 114 -26.31 8.37 35.08
C ALA J 114 -26.24 7.10 35.90
N VAL J 115 -25.03 6.65 36.25
CA VAL J 115 -24.90 5.44 37.06
C VAL J 115 -25.51 5.65 38.44
N THR J 116 -25.33 6.85 39.02
CA THR J 116 -25.91 7.13 40.33
C THR J 116 -27.43 7.16 40.26
N LYS J 117 -27.99 7.79 39.23
CA LYS J 117 -29.45 7.83 39.09
C LYS J 117 -30.02 6.48 38.70
N TYR J 118 -29.22 5.58 38.14
CA TYR J 118 -29.70 4.26 37.76
C TYR J 118 -29.64 3.26 38.92
N THR J 119 -28.56 3.30 39.71
CA THR J 119 -28.44 2.37 40.83
C THR J 119 -29.38 2.74 41.96
N SER J 120 -29.56 4.05 42.23
CA SER J 120 -30.46 4.47 43.29
C SER J 120 -31.92 4.22 42.93
N ALA J 121 -32.23 4.19 41.64
CA ALA J 121 -33.61 3.95 41.21
C ALA J 121 -33.71 2.62 40.46
N GLY K 1 -8.04 8.43 -33.36
CA GLY K 1 -9.15 9.36 -33.66
C GLY K 1 -10.23 9.27 -32.60
N HIS K 2 -11.50 9.25 -33.01
CA HIS K 2 -12.58 9.06 -32.01
C HIS K 2 -12.41 7.68 -31.38
N MET K 3 -12.56 7.57 -30.07
CA MET K 3 -12.32 6.28 -29.38
C MET K 3 -13.41 6.07 -28.33
N ASN K 4 -13.61 4.84 -27.88
CA ASN K 4 -14.57 4.57 -26.78
C ASN K 4 -13.81 4.71 -25.47
N HIS K 5 -14.50 4.62 -24.33
CA HIS K 5 -13.83 4.70 -23.01
C HIS K 5 -12.91 3.48 -22.86
N ARG K 6 -13.22 2.38 -23.55
CA ARG K 6 -12.40 1.15 -23.47
C ARG K 6 -11.31 1.13 -24.54
N GLY K 7 -11.17 2.20 -25.32
CA GLY K 7 -10.09 2.28 -26.33
C GLY K 7 -10.56 1.76 -27.66
N GLU K 8 -11.79 1.28 -27.70
CA GLU K 8 -12.40 0.77 -28.93
C GLU K 8 -12.62 1.90 -29.90
N THR K 9 -11.89 1.89 -31.02
CA THR K 9 -12.06 2.91 -32.05
C THR K 9 -13.31 2.57 -32.88
N LEU K 10 -13.52 3.31 -33.97
CA LEU K 10 -14.68 3.06 -34.81
C LEU K 10 -14.59 1.69 -35.47
N LEU K 11 -13.40 1.29 -35.91
CA LEU K 11 -13.24 -0.02 -36.53
C LEU K 11 -13.44 -1.14 -35.52
N HIS K 12 -13.02 -0.92 -34.27
CA HIS K 12 -13.21 -1.93 -33.24
C HIS K 12 -14.69 -2.22 -33.01
N ILE K 13 -15.49 -1.17 -32.77
CA ILE K 13 -16.91 -1.39 -32.53
C ILE K 13 -17.61 -1.84 -33.80
N ALA K 14 -17.10 -1.45 -34.97
CA ALA K 14 -17.70 -1.92 -36.22
C ALA K 14 -17.47 -3.40 -36.44
N SER K 15 -16.31 -3.92 -36.03
CA SER K 15 -16.00 -5.33 -36.20
C SER K 15 -16.55 -6.19 -35.06
N ILE K 16 -16.80 -5.61 -33.89
CA ILE K 16 -17.37 -6.38 -32.79
C ILE K 16 -18.79 -6.81 -33.11
N LYS K 17 -19.61 -5.84 -33.50
CA LYS K 17 -21.00 -6.15 -33.91
C LYS K 17 -20.95 -6.69 -35.33
N GLY K 18 -19.74 -6.73 -35.91
CA GLY K 18 -19.56 -7.26 -37.27
C GLY K 18 -20.38 -6.52 -38.31
N ASP K 19 -20.51 -5.20 -38.17
CA ASP K 19 -21.22 -4.40 -39.22
C ASP K 19 -20.28 -4.27 -40.43
N ILE K 20 -20.53 -5.02 -41.50
CA ILE K 20 -19.59 -5.04 -42.64
C ILE K 20 -19.64 -3.74 -43.44
N PRO K 21 -20.81 -3.16 -43.73
CA PRO K 21 -20.81 -1.87 -44.44
C PRO K 21 -19.97 -0.79 -43.76
N SER K 22 -20.05 -0.67 -42.43
CA SER K 22 -19.22 0.29 -41.73
C SER K 22 -17.74 -0.08 -41.85
N VAL K 23 -17.43 -1.38 -41.85
CA VAL K 23 -16.06 -1.82 -42.02
C VAL K 23 -15.51 -1.35 -43.36
N GLU K 24 -16.29 -1.56 -44.43
CA GLU K 24 -15.86 -1.09 -45.75
C GLU K 24 -15.75 0.43 -45.78
N TYR K 25 -16.68 1.12 -45.13
CA TYR K 25 -16.66 2.58 -45.12
C TYR K 25 -15.40 3.12 -44.47
N LEU K 26 -14.99 2.53 -43.35
CA LEU K 26 -13.78 3.00 -42.66
C LEU K 26 -12.50 2.46 -43.28
N LEU K 27 -12.56 1.35 -44.01
CA LEU K 27 -11.37 0.82 -44.64
C LEU K 27 -11.06 1.48 -45.98
N GLN K 28 -12.08 1.93 -46.71
CA GLN K 28 -11.87 2.64 -47.96
C GLN K 28 -11.60 4.13 -47.77
N ASN K 29 -11.66 4.62 -46.54
CA ASN K 29 -11.35 6.01 -46.26
C ASN K 29 -9.90 6.22 -45.83
N GLY K 30 -9.22 5.15 -45.42
CA GLY K 30 -7.83 5.22 -45.03
C GLY K 30 -7.54 5.04 -43.54
N SER K 31 -8.46 4.47 -42.78
CA SER K 31 -8.22 4.25 -41.36
C SER K 31 -7.24 3.11 -41.15
N ASP K 32 -6.31 3.30 -40.23
CA ASP K 32 -5.30 2.29 -39.95
C ASP K 32 -5.92 1.13 -39.18
N PRO K 33 -5.90 -0.09 -39.73
CA PRO K 33 -6.48 -1.23 -39.01
C PRO K 33 -5.56 -1.86 -37.98
N ASN K 34 -4.27 -1.52 -38.00
CA ASN K 34 -3.29 -2.10 -37.08
C ASN K 34 -3.19 -1.23 -35.82
N VAL K 35 -4.30 -1.18 -35.10
CA VAL K 35 -4.41 -0.40 -33.87
C VAL K 35 -4.94 -1.29 -32.76
N LYS K 36 -4.38 -1.16 -31.57
CA LYS K 36 -4.79 -1.91 -30.40
C LYS K 36 -5.53 -0.99 -29.44
N ASP K 37 -6.56 -1.52 -28.81
CA ASP K 37 -7.34 -0.74 -27.84
C ASP K 37 -6.62 -0.73 -26.50
N HIS K 38 -7.31 -0.30 -25.45
CA HIS K 38 -6.69 -0.21 -24.13
C HIS K 38 -6.27 -1.58 -23.61
N ALA K 39 -6.92 -2.65 -24.08
CA ALA K 39 -6.50 -4.03 -23.73
C ALA K 39 -5.37 -4.48 -24.64
N GLY K 40 -5.49 -4.19 -25.94
CA GLY K 40 -4.52 -4.68 -26.93
C GLY K 40 -5.19 -5.52 -27.99
N TRP K 41 -6.51 -5.60 -27.98
CA TRP K 41 -7.20 -6.33 -29.04
C TRP K 41 -7.25 -5.49 -30.31
N THR K 42 -6.83 -6.08 -31.41
CA THR K 42 -6.93 -5.45 -32.72
C THR K 42 -8.27 -5.80 -33.37
N PRO K 43 -8.64 -5.10 -34.45
CA PRO K 43 -9.84 -5.51 -35.19
C PRO K 43 -9.81 -6.97 -35.64
N LEU K 44 -8.62 -7.51 -35.93
CA LEU K 44 -8.51 -8.93 -36.24
C LEU K 44 -8.97 -9.78 -35.08
N HIS K 45 -8.58 -9.41 -33.85
CA HIS K 45 -8.95 -10.19 -32.68
C HIS K 45 -10.47 -10.21 -32.49
N GLU K 46 -11.04 -9.00 -32.47
CA GLU K 46 -12.49 -8.86 -32.25
C GLU K 46 -13.22 -9.67 -33.32
N ALA K 47 -12.84 -9.48 -34.57
CA ALA K 47 -13.58 -10.15 -35.66
C ALA K 47 -13.46 -11.66 -35.44
N CYS K 48 -12.26 -12.14 -35.17
CA CYS K 48 -12.07 -13.61 -35.03
C CYS K 48 -12.91 -14.14 -33.87
N ASN K 49 -12.92 -13.42 -32.74
CA ASN K 49 -13.68 -13.91 -31.56
C ASN K 49 -15.17 -13.93 -31.87
N HIS K 50 -15.70 -12.88 -32.51
CA HIS K 50 -17.18 -12.82 -32.66
C HIS K 50 -17.68 -13.70 -33.82
N GLY K 51 -16.77 -14.15 -34.69
CA GLY K 51 -17.16 -15.00 -35.81
C GLY K 51 -17.61 -14.24 -37.04
N HIS K 52 -16.70 -13.53 -37.69
CA HIS K 52 -16.98 -12.80 -38.91
C HIS K 52 -15.86 -13.06 -39.91
N LEU K 53 -16.23 -13.17 -41.19
CA LEU K 53 -15.29 -13.57 -42.24
C LEU K 53 -14.95 -12.44 -43.21
N LYS K 54 -15.96 -11.71 -43.68
CA LYS K 54 -15.71 -10.67 -44.68
C LYS K 54 -14.81 -9.57 -44.13
N VAL K 55 -15.01 -9.20 -42.86
CA VAL K 55 -14.15 -8.19 -42.26
C VAL K 55 -12.71 -8.68 -42.19
N VAL K 56 -12.52 -9.97 -41.88
CA VAL K 56 -11.18 -10.54 -41.86
C VAL K 56 -10.57 -10.50 -43.25
N GLU K 57 -11.38 -10.78 -44.27
CA GLU K 57 -10.89 -10.74 -45.65
C GLU K 57 -10.41 -9.34 -46.01
N LEU K 58 -11.24 -8.33 -45.73
CA LEU K 58 -10.85 -6.95 -46.05
C LEU K 58 -9.63 -6.52 -45.24
N LEU K 59 -9.54 -6.94 -43.98
CA LEU K 59 -8.38 -6.56 -43.17
C LEU K 59 -7.10 -7.22 -43.70
N LEU K 60 -7.18 -8.48 -44.10
CA LEU K 60 -6.02 -9.15 -44.67
C LEU K 60 -5.63 -8.55 -46.02
N GLN K 61 -6.60 -8.05 -46.78
CA GLN K 61 -6.32 -7.42 -48.06
C GLN K 61 -5.92 -5.95 -47.92
N HIS K 62 -6.09 -5.35 -46.74
CA HIS K 62 -5.73 -3.96 -46.51
C HIS K 62 -4.44 -3.82 -45.71
N LYS K 63 -3.58 -4.84 -45.76
CA LYS K 63 -2.25 -4.81 -45.14
C LYS K 63 -2.35 -4.56 -43.63
N ALA K 64 -3.15 -5.40 -42.95
CA ALA K 64 -3.25 -5.34 -41.50
C ALA K 64 -2.29 -6.33 -40.87
N LEU K 65 -1.68 -5.92 -39.75
CA LEU K 65 -0.72 -6.77 -39.05
C LEU K 65 -1.46 -7.97 -38.46
N VAL K 66 -1.23 -9.15 -39.04
CA VAL K 66 -1.88 -10.36 -38.56
C VAL K 66 -1.11 -10.99 -37.39
N ASN K 67 0.22 -10.89 -37.39
CA ASN K 67 1.04 -11.41 -36.30
C ASN K 67 1.06 -10.40 -35.15
N THR K 68 -0.12 -10.19 -34.57
CA THR K 68 -0.27 -9.18 -33.50
C THR K 68 -0.46 -9.94 -32.19
N THR K 69 -0.25 -9.27 -31.07
CA THR K 69 -0.48 -9.89 -29.75
C THR K 69 -1.56 -9.12 -29.01
N GLY K 70 -2.53 -9.85 -28.47
CA GLY K 70 -3.71 -9.26 -27.82
C GLY K 70 -3.49 -9.08 -26.34
N TYR K 71 -4.55 -9.13 -25.55
CA TYR K 71 -4.42 -8.72 -24.15
C TYR K 71 -3.32 -9.52 -23.45
N GLN K 72 -3.54 -10.82 -23.31
CA GLN K 72 -2.52 -11.71 -22.76
C GLN K 72 -1.65 -12.32 -23.86
N ASN K 73 -1.14 -11.46 -24.74
CA ASN K 73 -0.36 -11.88 -25.91
C ASN K 73 -1.11 -12.90 -26.75
N ASP K 74 -2.44 -12.80 -26.77
CA ASP K 74 -3.27 -13.73 -27.52
C ASP K 74 -3.25 -13.36 -28.99
N SER K 75 -2.65 -14.22 -29.81
CA SER K 75 -2.70 -14.05 -31.25
C SER K 75 -4.13 -14.26 -31.75
N PRO K 76 -4.48 -13.67 -32.90
CA PRO K 76 -5.82 -13.94 -33.46
C PRO K 76 -6.12 -15.42 -33.64
N LEU K 77 -5.09 -16.23 -33.90
CA LEU K 77 -5.29 -17.67 -34.00
C LEU K 77 -5.81 -18.25 -32.69
N HIS K 78 -5.34 -17.72 -31.56
CA HIS K 78 -5.81 -18.20 -30.27
C HIS K 78 -7.31 -18.04 -30.12
N ASP K 79 -7.81 -16.82 -30.32
CA ASP K 79 -9.24 -16.58 -30.18
C ASP K 79 -10.03 -17.32 -31.25
N ALA K 80 -9.51 -17.38 -32.47
CA ALA K 80 -10.22 -18.05 -33.56
C ALA K 80 -10.39 -19.55 -33.26
N ALA K 81 -9.39 -20.12 -32.60
CA ALA K 81 -9.48 -21.54 -32.22
C ALA K 81 -10.26 -21.65 -30.92
N LYS K 82 -9.98 -20.77 -29.95
CA LYS K 82 -10.68 -20.82 -28.64
C LYS K 82 -12.18 -20.65 -28.88
N ASN K 83 -12.59 -19.98 -29.96
CA ASN K 83 -14.05 -19.78 -30.10
C ASN K 83 -14.62 -20.74 -31.14
N GLY K 84 -13.84 -21.72 -31.58
CA GLY K 84 -14.37 -22.75 -32.51
C GLY K 84 -14.74 -22.27 -33.90
N HIS K 85 -13.89 -21.46 -34.54
CA HIS K 85 -14.16 -21.07 -35.95
C HIS K 85 -13.16 -21.79 -36.86
N VAL K 86 -13.60 -22.81 -37.62
CA VAL K 86 -12.64 -23.64 -38.40
C VAL K 86 -12.31 -22.93 -39.71
N ASP K 87 -13.34 -22.50 -40.44
CA ASP K 87 -13.06 -21.73 -41.64
C ASP K 87 -12.25 -20.48 -41.34
N ILE K 88 -12.41 -19.90 -40.14
CA ILE K 88 -11.64 -18.71 -39.79
C ILE K 88 -10.16 -19.06 -39.63
N VAL K 89 -9.86 -20.14 -38.90
CA VAL K 89 -8.46 -20.53 -38.76
C VAL K 89 -7.91 -21.02 -40.09
N LYS K 90 -8.75 -21.57 -40.95
CA LYS K 90 -8.30 -21.93 -42.30
C LYS K 90 -7.88 -20.69 -43.08
N LEU K 91 -8.72 -19.64 -43.06
CA LEU K 91 -8.36 -18.40 -43.74
C LEU K 91 -7.13 -17.76 -43.11
N LEU K 92 -6.95 -17.89 -41.80
CA LEU K 92 -5.76 -17.34 -41.15
C LEU K 92 -4.51 -18.09 -41.59
N LEU K 93 -4.57 -19.42 -41.61
CA LEU K 93 -3.42 -20.21 -42.06
C LEU K 93 -3.17 -20.07 -43.54
N SER K 94 -4.16 -19.61 -44.31
CA SER K 94 -3.90 -19.31 -45.72
C SER K 94 -2.84 -18.23 -45.88
N TYR K 95 -2.66 -17.39 -44.87
CA TYR K 95 -1.59 -16.39 -44.85
C TYR K 95 -0.44 -16.78 -43.93
N GLY K 96 -0.53 -17.92 -43.25
CA GLY K 96 0.52 -18.35 -42.34
C GLY K 96 0.48 -17.62 -41.01
N ALA K 97 1.42 -16.69 -40.82
CA ALA K 97 1.47 -15.82 -39.64
C ALA K 97 1.68 -16.63 -38.36
N SER K 98 2.77 -17.40 -38.32
CA SER K 98 3.26 -18.05 -37.11
C SER K 98 2.19 -18.97 -36.50
N ARG K 99 1.88 -20.03 -37.25
CA ARG K 99 0.92 -21.02 -36.77
C ARG K 99 1.30 -21.57 -35.40
N ASN K 100 2.61 -21.64 -35.12
CA ASN K 100 3.10 -22.06 -33.80
C ASN K 100 3.32 -20.88 -32.86
N ALA K 101 2.32 -20.01 -32.74
CA ALA K 101 2.42 -18.83 -31.91
C ALA K 101 2.34 -19.21 -30.44
N VAL K 102 2.40 -18.20 -29.54
CA VAL K 102 2.42 -18.48 -28.08
C VAL K 102 1.83 -17.31 -27.29
N ASN K 103 0.98 -17.56 -26.29
CA ASN K 103 0.41 -16.51 -25.42
C ASN K 103 1.34 -16.27 -24.23
N ILE K 104 0.97 -15.43 -23.27
CA ILE K 104 1.82 -15.26 -22.07
C ILE K 104 1.91 -16.59 -21.32
N PHE K 105 0.82 -17.35 -21.24
CA PHE K 105 0.85 -18.61 -20.46
C PHE K 105 1.84 -19.59 -21.09
N GLY K 106 1.93 -19.60 -22.42
CA GLY K 106 2.86 -20.50 -23.13
C GLY K 106 2.05 -21.45 -23.99
N LEU K 107 0.73 -21.42 -23.83
CA LEU K 107 -0.20 -22.32 -24.55
C LEU K 107 -0.27 -21.92 -26.01
N ARG K 108 0.34 -22.73 -26.88
CA ARG K 108 0.22 -22.47 -28.34
C ARG K 108 -1.26 -22.61 -28.74
N PRO K 109 -1.78 -21.97 -29.82
CA PRO K 109 -3.20 -22.04 -30.16
C PRO K 109 -3.80 -23.46 -30.12
N VAL K 110 -2.99 -24.50 -30.33
CA VAL K 110 -3.54 -25.85 -30.41
C VAL K 110 -4.13 -26.28 -29.07
N ASP K 111 -3.57 -25.69 -28.00
CA ASP K 111 -3.90 -26.10 -26.61
C ASP K 111 -5.24 -25.46 -26.25
N TYR K 112 -5.83 -24.74 -27.20
CA TYR K 112 -7.13 -24.08 -26.96
C TYR K 112 -8.25 -24.85 -27.67
N THR K 113 -7.99 -25.28 -28.90
CA THR K 113 -9.04 -25.77 -29.83
C THR K 113 -9.94 -26.78 -29.11
N ASP K 114 -9.34 -27.65 -28.32
CA ASP K 114 -9.95 -28.88 -27.80
C ASP K 114 -10.82 -29.56 -28.86
N ASP K 115 -10.42 -29.44 -30.13
CA ASP K 115 -11.18 -30.00 -31.25
C ASP K 115 -10.23 -30.75 -32.17
N GLU K 116 -10.71 -31.88 -32.70
CA GLU K 116 -9.87 -32.72 -33.54
C GLU K 116 -9.58 -32.03 -34.87
N SER K 117 -10.59 -31.38 -35.46
CA SER K 117 -10.41 -30.76 -36.77
C SER K 117 -9.32 -29.69 -36.74
N MET K 118 -9.35 -28.85 -35.72
CA MET K 118 -8.35 -27.76 -35.65
C MET K 118 -6.98 -28.37 -35.33
N LYS K 119 -6.94 -29.36 -34.43
CA LYS K 119 -5.67 -29.98 -34.09
C LYS K 119 -5.03 -30.66 -35.29
N SER K 120 -5.85 -31.11 -36.25
CA SER K 120 -5.32 -31.69 -37.48
C SER K 120 -5.04 -30.64 -38.55
N LEU K 121 -5.70 -29.49 -38.49
CA LEU K 121 -5.51 -28.44 -39.47
C LEU K 121 -4.37 -27.49 -39.11
N LEU K 122 -3.96 -27.45 -37.85
CA LEU K 122 -2.88 -26.55 -37.44
C LEU K 122 -1.49 -27.16 -37.58
N LEU K 123 -1.37 -28.48 -37.47
CA LEU K 123 -0.06 -29.13 -37.44
C LEU K 123 0.27 -29.70 -38.82
N LEU K 124 0.72 -28.81 -39.71
CA LEU K 124 1.27 -29.18 -41.00
C LEU K 124 2.41 -28.22 -41.30
N PRO K 125 3.60 -28.73 -41.67
CA PRO K 125 4.77 -27.89 -41.96
C PRO K 125 4.58 -27.05 -43.23
N ASP K 146 1.55 8.36 -38.56
CA ASP K 146 2.01 8.61 -37.19
C ASP K 146 1.44 9.92 -36.66
N GLY K 147 1.70 10.21 -35.39
CA GLY K 147 1.22 11.41 -34.76
C GLY K 147 2.27 12.50 -34.71
N PRO K 148 2.32 13.23 -33.59
CA PRO K 148 3.31 14.30 -33.45
C PRO K 148 4.72 13.75 -33.41
N LEU K 149 5.63 14.42 -34.12
CA LEU K 149 7.03 14.02 -34.19
C LEU K 149 7.80 14.82 -33.15
N VAL K 150 8.03 14.22 -31.99
CA VAL K 150 8.76 14.87 -30.91
C VAL K 150 10.25 14.66 -31.14
N LEU K 151 10.97 15.77 -31.32
CA LEU K 151 12.41 15.75 -31.58
C LEU K 151 13.13 16.37 -30.38
N ILE K 152 13.83 15.54 -29.61
CA ILE K 152 14.61 15.97 -28.46
C ILE K 152 15.98 15.34 -28.54
N GLY K 153 17.01 16.08 -28.11
CA GLY K 153 18.38 15.63 -28.23
C GLY K 153 18.85 14.85 -27.02
N SER K 154 19.62 13.79 -27.30
CA SER K 154 20.15 12.91 -26.26
C SER K 154 21.66 13.08 -26.23
N GLY K 155 22.15 13.87 -25.27
CA GLY K 155 23.57 14.10 -25.13
C GLY K 155 24.19 14.90 -26.27
N LEU K 156 23.47 15.88 -26.79
CA LEU K 156 23.96 16.70 -27.88
C LEU K 156 24.66 17.94 -27.33
N SER K 157 25.07 18.83 -28.23
CA SER K 157 25.72 20.08 -27.86
C SER K 157 24.67 21.19 -27.68
N SER K 158 25.16 22.39 -27.40
CA SER K 158 24.26 23.53 -27.20
C SER K 158 23.62 23.96 -28.51
N GLU K 159 24.44 24.32 -29.50
CA GLU K 159 23.91 24.74 -30.79
C GLU K 159 23.17 23.61 -31.48
N GLN K 160 23.55 22.36 -31.23
CA GLN K 160 22.78 21.23 -31.76
C GLN K 160 21.38 21.20 -31.15
N GLN K 161 21.28 21.45 -29.84
CA GLN K 161 19.97 21.48 -29.21
C GLN K 161 19.14 22.65 -29.71
N LYS K 162 19.77 23.80 -29.95
CA LYS K 162 19.04 24.93 -30.54
C LYS K 162 18.57 24.60 -31.94
N MET K 163 19.39 23.87 -32.71
CA MET K 163 18.98 23.47 -34.05
C MET K 163 17.78 22.54 -34.01
N LEU K 164 17.80 21.54 -33.13
CA LEU K 164 16.65 20.66 -32.98
C LEU K 164 15.43 21.43 -32.50
N SER K 165 15.63 22.43 -31.62
CA SER K 165 14.50 23.21 -31.14
C SER K 165 13.86 24.01 -32.26
N GLU K 166 14.66 24.67 -33.10
CA GLU K 166 14.09 25.44 -34.18
C GLU K 166 13.47 24.54 -35.25
N LEU K 167 14.07 23.37 -35.49
CA LEU K 167 13.46 22.42 -36.41
C LEU K 167 12.14 21.89 -35.89
N ALA K 168 12.02 21.75 -34.56
CA ALA K 168 10.76 21.31 -33.98
C ALA K 168 9.70 22.41 -34.07
N VAL K 169 10.09 23.66 -33.80
CA VAL K 169 9.09 24.73 -33.84
C VAL K 169 8.71 25.11 -35.27
N ILE K 170 9.53 24.77 -36.27
CA ILE K 170 9.12 25.01 -37.65
C ILE K 170 8.34 23.83 -38.21
N LEU K 171 8.55 22.62 -37.69
CA LEU K 171 7.84 21.43 -38.15
C LEU K 171 6.65 21.07 -37.25
N LYS K 172 6.14 22.05 -36.49
CA LYS K 172 4.97 21.87 -35.64
C LYS K 172 5.19 20.77 -34.60
N ALA K 173 6.21 20.98 -33.76
CA ALA K 173 6.52 20.04 -32.68
C ALA K 173 6.71 20.77 -31.36
N LYS K 174 7.14 20.04 -30.33
CA LYS K 174 7.32 20.60 -28.99
C LYS K 174 8.67 20.15 -28.44
N LYS K 175 9.00 20.67 -27.27
CA LYS K 175 10.25 20.34 -26.56
C LYS K 175 9.89 19.91 -25.14
N TYR K 176 10.13 18.64 -24.82
CA TYR K 176 9.75 18.08 -23.55
C TYR K 176 10.95 18.02 -22.60
N THR K 177 10.71 17.55 -21.38
CA THR K 177 11.75 17.47 -20.36
C THR K 177 12.43 16.10 -20.46
N GLU K 178 13.14 15.93 -21.57
CA GLU K 178 14.05 14.81 -21.84
C GLU K 178 13.30 13.51 -22.08
N PHE K 179 11.98 13.49 -21.79
CA PHE K 179 11.15 12.33 -22.07
C PHE K 179 9.69 12.58 -21.71
N ASP K 180 8.79 11.90 -22.41
CA ASP K 180 7.36 11.85 -22.09
C ASP K 180 6.79 10.58 -22.73
N SER K 181 5.47 10.44 -22.66
CA SER K 181 4.80 9.27 -23.21
C SER K 181 4.55 9.39 -24.72
N THR K 182 4.81 10.55 -25.32
CA THR K 182 4.55 10.77 -26.74
C THR K 182 5.82 10.95 -27.56
N VAL K 183 6.98 10.60 -27.01
CA VAL K 183 8.22 10.75 -27.75
C VAL K 183 8.31 9.66 -28.81
N THR K 184 8.63 10.06 -30.05
CA THR K 184 8.76 9.14 -31.16
C THR K 184 10.13 9.16 -31.84
N HIS K 185 10.91 10.21 -31.65
CA HIS K 185 12.20 10.34 -32.33
C HIS K 185 13.26 10.81 -31.36
N VAL K 186 14.40 10.11 -31.34
CA VAL K 186 15.57 10.51 -30.58
C VAL K 186 16.76 10.52 -31.52
N VAL K 187 17.85 11.15 -31.07
CA VAL K 187 19.05 11.31 -31.87
C VAL K 187 20.28 10.99 -31.03
N VAL K 188 21.29 10.44 -31.70
CA VAL K 188 22.58 10.14 -31.08
C VAL K 188 23.64 10.97 -31.80
N PRO K 189 24.55 11.63 -31.09
CA PRO K 189 25.59 12.39 -31.79
C PRO K 189 26.62 11.53 -32.47
N GLY K 190 27.03 10.43 -31.84
CA GLY K 190 28.00 9.52 -32.41
C GLY K 190 27.37 8.50 -33.33
N ASP K 191 28.17 7.48 -33.66
CA ASP K 191 27.71 6.41 -34.53
C ASP K 191 27.02 5.29 -33.77
N ALA K 192 27.45 5.01 -32.54
CA ALA K 192 26.86 3.99 -31.71
C ALA K 192 26.04 4.62 -30.59
N VAL K 193 25.01 3.88 -30.15
CA VAL K 193 24.12 4.37 -29.10
C VAL K 193 24.82 4.23 -27.75
N GLN K 194 24.62 5.23 -26.89
CA GLN K 194 25.22 5.23 -25.56
C GLN K 194 24.37 4.36 -24.62
N SER K 195 24.65 4.45 -23.33
CA SER K 195 23.95 3.66 -22.33
C SER K 195 23.43 4.56 -21.20
N THR K 196 22.86 5.71 -21.56
CA THR K 196 22.27 6.60 -20.57
C THR K 196 20.76 6.37 -20.49
N LEU K 197 20.12 7.07 -19.56
CA LEU K 197 18.68 6.87 -19.31
C LEU K 197 17.85 7.13 -20.56
N LYS K 198 18.17 8.20 -21.29
CA LYS K 198 17.30 8.65 -22.37
C LYS K 198 17.33 7.68 -23.55
N CYS K 199 18.51 7.17 -23.91
CA CYS K 199 18.57 6.24 -25.03
C CYS K 199 17.90 4.91 -24.70
N MET K 200 17.95 4.48 -23.43
CA MET K 200 17.24 3.27 -23.04
C MET K 200 15.73 3.49 -23.12
N LEU K 201 15.25 4.63 -22.63
CA LEU K 201 13.83 4.92 -22.77
C LEU K 201 13.41 5.06 -24.23
N GLY K 202 14.34 5.48 -25.09
CA GLY K 202 14.02 5.56 -26.51
C GLY K 202 13.97 4.20 -27.19
N ILE K 203 14.91 3.32 -26.83
CA ILE K 203 14.96 2.00 -27.46
C ILE K 203 13.80 1.13 -26.97
N LEU K 204 13.54 1.15 -25.66
CA LEU K 204 12.47 0.30 -25.12
C LEU K 204 11.10 0.75 -25.59
N ASN K 205 10.91 2.04 -25.84
CA ASN K 205 9.63 2.54 -26.33
C ASN K 205 9.47 2.34 -27.83
N GLY K 206 10.53 1.99 -28.55
CA GLY K 206 10.44 1.80 -29.98
C GLY K 206 10.49 3.08 -30.79
N CYS K 207 11.29 4.05 -30.36
CA CYS K 207 11.39 5.32 -31.06
C CYS K 207 12.39 5.20 -32.22
N TRP K 208 12.53 6.29 -32.97
CA TRP K 208 13.45 6.34 -34.10
C TRP K 208 14.78 6.91 -33.62
N ILE K 209 15.85 6.15 -33.82
CA ILE K 209 17.19 6.56 -33.41
C ILE K 209 17.94 7.05 -34.65
N LEU K 210 18.37 8.31 -34.62
CA LEU K 210 19.02 8.96 -35.74
C LEU K 210 20.45 9.34 -35.36
N LYS K 211 21.32 9.40 -36.37
CA LYS K 211 22.74 9.70 -36.17
C LYS K 211 23.07 11.17 -36.32
N PHE K 212 22.12 12.06 -36.03
CA PHE K 212 22.24 13.52 -36.09
C PHE K 212 22.40 14.03 -37.52
N GLU K 213 22.44 13.15 -38.52
CA GLU K 213 22.48 13.61 -39.90
C GLU K 213 21.10 13.88 -40.47
N TRP K 214 20.04 13.36 -39.83
CA TRP K 214 18.69 13.61 -40.30
C TRP K 214 18.33 15.09 -40.21
N VAL K 215 18.69 15.73 -39.10
CA VAL K 215 18.44 17.16 -38.97
C VAL K 215 19.26 17.93 -40.00
N LYS K 216 20.47 17.45 -40.30
CA LYS K 216 21.27 18.06 -41.36
C LYS K 216 20.61 17.92 -42.72
N ALA K 217 19.86 16.83 -42.93
CA ALA K 217 19.13 16.68 -44.18
C ALA K 217 17.91 17.59 -44.23
N CYS K 218 17.21 17.74 -43.11
CA CYS K 218 16.01 18.58 -43.09
C CYS K 218 16.35 20.07 -43.18
N LEU K 219 17.49 20.50 -42.61
CA LEU K 219 17.82 21.91 -42.67
C LEU K 219 18.19 22.36 -44.07
N ARG K 220 18.45 21.42 -44.98
CA ARG K 220 18.75 21.76 -46.37
C ARG K 220 17.51 21.77 -47.26
N ARG K 221 16.47 21.03 -46.88
CA ARG K 221 15.24 20.96 -47.65
C ARG K 221 14.03 21.55 -46.95
N LYS K 222 14.16 21.91 -45.67
CA LYS K 222 13.10 22.54 -44.87
C LYS K 222 11.86 21.66 -44.76
N VAL K 223 12.00 20.35 -45.00
CA VAL K 223 10.89 19.41 -44.90
C VAL K 223 11.38 18.14 -44.24
N CYS K 224 10.45 17.23 -43.96
CA CYS K 224 10.77 15.95 -43.35
C CYS K 224 11.43 15.02 -44.35
N GLU K 225 12.23 14.10 -43.84
CA GLU K 225 12.96 13.13 -44.66
C GLU K 225 12.53 11.72 -44.27
N GLN K 226 13.20 10.73 -44.85
CA GLN K 226 12.94 9.32 -44.55
C GLN K 226 13.84 8.86 -43.41
N GLU K 227 13.24 8.24 -42.40
CA GLU K 227 13.97 7.77 -41.23
C GLU K 227 14.66 6.43 -41.45
N GLU K 228 14.40 5.76 -42.57
CA GLU K 228 15.01 4.45 -42.81
C GLU K 228 16.49 4.57 -43.13
N LYS K 229 16.88 5.59 -43.90
CA LYS K 229 18.27 5.76 -44.28
C LYS K 229 19.12 6.36 -43.19
N TYR K 230 18.52 6.89 -42.12
CA TYR K 230 19.27 7.50 -41.03
C TYR K 230 19.14 6.73 -39.73
N GLU K 231 18.63 5.50 -39.76
CA GLU K 231 18.50 4.66 -38.59
C GLU K 231 19.61 3.62 -38.58
N ILE K 232 20.13 3.34 -37.39
CA ILE K 232 21.24 2.39 -37.24
C ILE K 232 20.70 0.97 -37.28
N PRO K 233 21.35 0.05 -38.00
CA PRO K 233 20.84 -1.32 -38.15
C PRO K 233 21.27 -2.25 -37.03
N GLU K 234 20.88 -1.89 -35.80
CA GLU K 234 21.21 -2.68 -34.62
C GLU K 234 19.96 -2.87 -33.76
N GLY K 235 20.15 -3.34 -32.53
CA GLY K 235 19.08 -3.57 -31.58
C GLY K 235 17.95 -2.55 -31.57
N PRO K 236 18.29 -1.26 -31.58
CA PRO K 236 17.23 -0.25 -31.71
C PRO K 236 16.37 -0.40 -32.95
N ARG K 237 16.95 -0.79 -34.09
CA ARG K 237 16.13 -1.05 -35.27
C ARG K 237 15.22 -2.25 -35.04
N ARG K 238 15.71 -3.28 -34.36
CA ARG K 238 14.86 -4.41 -34.02
C ARG K 238 13.71 -3.98 -33.12
N SER K 239 13.97 -3.05 -32.20
CA SER K 239 12.90 -2.53 -31.34
C SER K 239 11.90 -1.73 -32.16
N ARG K 240 12.38 -0.97 -33.15
CA ARG K 240 11.48 -0.21 -34.02
C ARG K 240 10.55 -1.14 -34.79
N LEU K 241 11.12 -2.18 -35.40
CA LEU K 241 10.29 -3.16 -36.10
C LEU K 241 9.37 -3.91 -35.14
N ASN K 242 9.81 -4.14 -33.90
CA ASN K 242 8.95 -4.77 -32.91
C ASN K 242 7.73 -3.90 -32.61
N ARG K 243 7.95 -2.61 -32.41
CA ARG K 243 6.84 -1.71 -32.14
C ARG K 243 5.93 -1.58 -33.36
N GLU K 244 6.51 -1.60 -34.56
CA GLU K 244 5.71 -1.48 -35.77
C GLU K 244 4.86 -2.73 -36.02
N GLN K 245 5.38 -3.90 -35.68
CA GLN K 245 4.64 -5.15 -35.85
C GLN K 245 3.70 -5.43 -34.70
N LEU K 246 3.52 -4.49 -33.79
CA LEU K 246 2.59 -4.57 -32.65
C LEU K 246 2.92 -5.71 -31.69
N LEU K 247 4.10 -6.33 -31.83
CA LEU K 247 4.52 -7.36 -30.90
C LEU K 247 4.84 -6.73 -29.55
N PRO K 248 4.78 -7.52 -28.47
CA PRO K 248 4.99 -6.96 -27.13
C PRO K 248 6.42 -6.44 -26.95
N LYS K 249 6.63 -5.81 -25.80
CA LYS K 249 7.92 -5.23 -25.48
C LYS K 249 8.96 -6.31 -25.23
N LEU K 250 10.19 -5.89 -24.93
CA LEU K 250 11.28 -6.82 -24.72
C LEU K 250 11.06 -7.64 -23.45
N PHE K 251 10.91 -6.94 -22.32
CA PHE K 251 10.88 -7.62 -20.99
C PHE K 251 9.45 -7.95 -20.57
N ASP K 252 8.68 -8.62 -21.44
CA ASP K 252 7.26 -8.94 -21.13
C ASP K 252 7.20 -10.22 -20.28
N GLY K 253 6.37 -10.26 -19.26
CA GLY K 253 6.33 -11.46 -18.41
C GLY K 253 7.69 -11.77 -17.82
N CYS K 254 8.61 -10.82 -17.84
CA CYS K 254 9.91 -11.04 -17.16
C CYS K 254 9.87 -10.22 -15.88
N TYR K 255 10.15 -10.84 -14.74
CA TYR K 255 10.04 -10.12 -13.45
C TYR K 255 11.45 -9.84 -12.96
N PHE K 256 11.77 -8.60 -12.60
CA PHE K 256 13.17 -8.25 -12.26
C PHE K 256 13.30 -7.78 -10.82
N TYR K 257 14.34 -8.22 -10.10
CA TYR K 257 14.59 -7.81 -8.72
C TYR K 257 15.99 -7.22 -8.63
N LEU K 258 16.09 -6.02 -8.06
CA LEU K 258 17.35 -5.30 -7.98
C LEU K 258 18.02 -5.62 -6.64
N TRP K 259 19.10 -6.38 -6.67
CA TRP K 259 19.79 -6.82 -5.46
C TRP K 259 20.87 -5.82 -5.07
N GLY K 260 20.92 -5.50 -3.78
CA GLY K 260 21.96 -4.62 -3.27
C GLY K 260 21.82 -3.19 -3.75
N THR K 261 22.91 -2.45 -3.59
CA THR K 261 22.98 -1.06 -4.01
C THR K 261 23.69 -0.94 -5.35
N PHE K 262 23.31 0.07 -6.12
CA PHE K 262 23.87 0.32 -7.43
C PHE K 262 24.53 1.69 -7.47
N LYS K 263 25.67 1.78 -8.15
CA LYS K 263 26.40 3.03 -8.29
C LYS K 263 26.59 3.46 -9.72
N HIS K 264 26.78 2.53 -10.65
CA HIS K 264 26.88 2.89 -12.07
C HIS K 264 25.58 3.51 -12.56
N HIS K 265 24.50 2.72 -12.54
CA HIS K 265 23.16 3.20 -12.85
C HIS K 265 22.32 3.14 -11.59
N PRO K 266 21.66 4.24 -11.15
CA PRO K 266 20.79 4.17 -10.00
C PRO K 266 19.79 3.02 -10.01
N LYS K 267 19.42 2.56 -8.83
CA LYS K 267 18.36 1.53 -8.76
C LYS K 267 17.12 2.17 -9.38
N ASP K 268 16.88 3.45 -9.11
CA ASP K 268 15.68 4.14 -9.67
C ASP K 268 15.73 4.13 -11.20
N ASN K 269 16.89 4.41 -11.78
CA ASN K 269 17.04 4.36 -13.25
C ASN K 269 16.74 2.93 -13.71
N LEU K 270 17.26 1.91 -13.04
CA LEU K 270 16.92 0.55 -13.53
C LEU K 270 15.41 0.29 -13.40
N ILE K 271 14.78 0.70 -12.30
CA ILE K 271 13.33 0.50 -12.07
C ILE K 271 12.57 1.10 -13.24
N LYS K 272 12.92 2.33 -13.63
CA LYS K 272 12.27 2.96 -14.77
C LYS K 272 12.51 2.17 -16.05
N LEU K 273 13.69 1.60 -16.21
CA LEU K 273 13.98 0.78 -17.39
C LEU K 273 13.07 -0.45 -17.43
N VAL K 274 12.95 -1.16 -16.30
CA VAL K 274 12.10 -2.34 -16.26
C VAL K 274 10.64 -1.97 -16.47
N THR K 275 10.21 -0.83 -15.91
CA THR K 275 8.83 -0.40 -16.10
C THR K 275 8.54 -0.06 -17.55
N ALA K 276 9.48 0.62 -18.22
CA ALA K 276 9.29 0.94 -19.63
C ALA K 276 9.34 -0.30 -20.50
N GLY K 277 10.15 -1.29 -20.12
CA GLY K 277 10.22 -2.54 -20.87
C GLY K 277 9.04 -3.46 -20.68
N GLY K 278 8.07 -3.08 -19.86
CA GLY K 278 6.90 -3.90 -19.63
C GLY K 278 7.04 -4.94 -18.54
N GLY K 279 8.21 -5.03 -17.90
CA GLY K 279 8.42 -6.02 -16.86
C GLY K 279 8.05 -5.50 -15.49
N GLN K 280 7.79 -6.44 -14.58
CA GLN K 280 7.39 -6.04 -13.23
C GLN K 280 8.61 -6.10 -12.31
N ILE K 281 8.88 -5.02 -11.60
CA ILE K 281 9.92 -5.03 -10.53
C ILE K 281 9.39 -5.87 -9.38
N LEU K 282 9.98 -7.04 -9.15
CA LEU K 282 9.71 -7.84 -7.93
C LEU K 282 10.26 -7.05 -6.76
N SER K 283 9.49 -6.94 -5.69
CA SER K 283 9.92 -6.12 -4.54
C SER K 283 10.67 -7.00 -3.55
N ARG K 284 10.51 -8.32 -3.65
CA ARG K 284 11.02 -9.22 -2.60
C ARG K 284 11.89 -10.28 -3.27
N LYS K 285 13.14 -10.42 -2.81
CA LYS K 285 14.07 -11.34 -3.47
C LYS K 285 13.36 -12.65 -3.79
N PRO K 286 13.36 -13.07 -5.06
CA PRO K 286 12.66 -14.31 -5.43
C PRO K 286 13.40 -15.55 -4.96
N LYS K 287 12.87 -16.22 -3.94
CA LYS K 287 13.48 -17.45 -3.47
C LYS K 287 13.19 -18.58 -4.47
N PRO K 288 14.22 -19.29 -4.94
CA PRO K 288 13.99 -20.31 -5.98
C PRO K 288 13.21 -21.53 -5.51
N ASP K 289 13.11 -21.76 -4.20
CA ASP K 289 12.40 -22.91 -3.66
C ASP K 289 11.05 -22.56 -3.08
N SER K 290 10.61 -21.31 -3.23
CA SER K 290 9.31 -20.91 -2.73
C SER K 290 8.20 -21.31 -3.72
N ASP K 291 6.95 -21.07 -3.30
CA ASP K 291 5.79 -21.38 -4.17
C ASP K 291 5.46 -20.19 -5.08
N VAL K 292 5.74 -18.96 -4.67
CA VAL K 292 5.36 -17.80 -5.55
C VAL K 292 6.19 -17.88 -6.82
N THR K 293 7.49 -18.14 -6.72
CA THR K 293 8.33 -18.11 -7.94
C THR K 293 7.89 -19.22 -8.89
N GLN K 294 7.49 -20.37 -8.36
CA GLN K 294 7.18 -21.50 -9.27
C GLN K 294 5.73 -21.44 -9.76
N THR K 295 4.92 -20.54 -9.20
CA THR K 295 3.50 -20.39 -9.64
C THR K 295 3.37 -19.22 -10.63
N ILE K 296 4.49 -18.65 -11.11
CA ILE K 296 4.44 -17.49 -12.06
C ILE K 296 3.62 -17.87 -13.28
N ASN K 297 3.91 -18.99 -13.95
CA ASN K 297 3.20 -19.42 -15.19
C ASN K 297 3.12 -18.31 -16.23
N THR K 298 4.23 -17.62 -16.51
CA THR K 298 4.23 -16.66 -17.65
C THR K 298 5.48 -16.96 -18.49
N VAL K 299 5.44 -16.64 -19.79
CA VAL K 299 6.63 -16.83 -20.65
C VAL K 299 7.13 -15.46 -21.12
N ALA K 300 8.23 -15.44 -21.89
CA ALA K 300 8.76 -14.17 -22.42
C ALA K 300 8.75 -14.26 -23.93
N TYR K 301 8.17 -13.28 -24.62
CA TYR K 301 8.02 -13.39 -26.09
C TYR K 301 9.39 -13.40 -26.76
N HIS K 302 10.31 -12.54 -26.34
CA HIS K 302 11.62 -12.38 -27.03
C HIS K 302 12.66 -13.38 -26.50
N ALA K 303 12.24 -14.38 -25.74
CA ALA K 303 13.20 -15.43 -25.32
C ALA K 303 13.51 -16.31 -26.53
N ARG K 304 14.65 -16.99 -26.51
CA ARG K 304 15.05 -17.77 -27.71
C ARG K 304 13.97 -18.80 -28.02
N PRO K 305 13.61 -19.01 -29.29
CA PRO K 305 12.53 -19.92 -29.65
C PRO K 305 12.43 -21.21 -28.83
N ASP K 306 13.48 -22.04 -28.78
CA ASP K 306 13.29 -23.29 -28.06
C ASP K 306 14.43 -23.54 -27.08
N SER K 307 14.84 -22.51 -26.34
CA SER K 307 15.90 -22.65 -25.36
C SER K 307 15.32 -22.78 -23.96
N ASP K 308 16.21 -22.85 -22.97
CA ASP K 308 15.82 -22.97 -21.57
C ASP K 308 15.72 -21.61 -20.89
N GLN K 309 14.98 -20.69 -21.51
CA GLN K 309 14.80 -19.36 -20.94
C GLN K 309 13.37 -18.85 -21.05
N ARG K 310 12.46 -19.59 -21.68
CA ARG K 310 11.08 -19.14 -21.78
C ARG K 310 10.31 -19.45 -20.50
N PHE K 311 10.35 -20.70 -20.05
CA PHE K 311 9.57 -21.11 -18.89
C PHE K 311 10.10 -20.51 -17.60
N CYS K 312 11.33 -19.98 -17.61
CA CYS K 312 11.98 -19.43 -16.42
C CYS K 312 12.33 -17.97 -16.72
N THR K 313 11.38 -17.07 -16.44
CA THR K 313 11.56 -15.64 -16.66
C THR K 313 11.38 -14.92 -15.33
N GLN K 314 12.44 -14.85 -14.53
CA GLN K 314 12.40 -14.11 -13.23
C GLN K 314 13.86 -13.81 -12.93
N TYR K 315 14.27 -12.55 -12.94
CA TYR K 315 15.72 -12.27 -12.85
C TYR K 315 16.11 -11.44 -11.64
N ILE K 316 17.17 -11.83 -10.93
CA ILE K 316 17.71 -11.00 -9.82
C ILE K 316 18.86 -10.21 -10.45
N ILE K 317 18.73 -8.89 -10.54
CA ILE K 317 19.75 -8.05 -11.24
C ILE K 317 20.68 -7.47 -10.19
N TYR K 318 21.96 -7.26 -10.54
CA TYR K 318 22.98 -6.77 -9.63
C TYR K 318 24.15 -6.25 -10.46
N GLU K 319 24.81 -5.21 -9.94
CA GLU K 319 25.97 -4.65 -10.63
C GLU K 319 27.17 -5.57 -10.46
N ASP K 320 27.78 -5.95 -11.59
CA ASP K 320 28.89 -6.91 -11.59
C ASP K 320 30.16 -6.19 -11.14
N LEU K 321 30.26 -6.02 -9.82
CA LEU K 321 31.43 -5.40 -9.21
C LEU K 321 32.18 -6.36 -8.30
N CYS K 322 31.50 -6.98 -7.34
CA CYS K 322 32.13 -7.91 -6.40
C CYS K 322 31.62 -9.34 -6.56
N ASN K 323 30.30 -9.53 -6.57
CA ASN K 323 29.70 -10.85 -6.70
C ASN K 323 29.90 -11.34 -8.12
N TYR K 324 30.86 -12.24 -8.32
CA TYR K 324 31.17 -12.78 -9.63
C TYR K 324 30.26 -13.98 -9.92
N HIS K 325 30.60 -14.74 -10.97
CA HIS K 325 29.87 -15.92 -11.40
C HIS K 325 29.66 -16.89 -10.25
N PRO K 326 28.42 -17.10 -9.80
CA PRO K 326 28.19 -17.99 -8.66
C PRO K 326 28.11 -19.46 -9.05
N GLU K 327 28.59 -19.78 -10.25
CA GLU K 327 28.58 -21.12 -10.83
C GLU K 327 27.16 -21.67 -11.02
N ARG K 328 26.14 -20.84 -10.83
CA ARG K 328 24.75 -21.27 -11.04
C ARG K 328 23.95 -20.02 -11.39
N VAL K 329 23.69 -19.83 -12.68
CA VAL K 329 22.94 -18.65 -13.09
C VAL K 329 21.44 -18.87 -12.96
N ARG K 330 20.96 -20.09 -13.16
CA ARG K 330 19.55 -20.42 -13.05
C ARG K 330 19.33 -21.50 -12.00
N GLN K 331 18.46 -21.21 -11.04
CA GLN K 331 18.06 -22.17 -10.02
C GLN K 331 16.54 -22.27 -10.08
N GLY K 332 16.04 -23.17 -10.92
CA GLY K 332 14.61 -23.31 -11.12
C GLY K 332 14.08 -22.30 -12.11
N LYS K 333 13.41 -21.26 -11.61
CA LYS K 333 12.88 -20.19 -12.45
C LYS K 333 13.47 -18.84 -12.12
N VAL K 334 14.46 -18.78 -11.24
CA VAL K 334 15.07 -17.52 -10.81
C VAL K 334 16.46 -17.43 -11.40
N TRP K 335 16.70 -16.38 -12.19
CA TRP K 335 18.00 -16.13 -12.79
C TRP K 335 18.76 -15.07 -12.01
N LYS K 336 20.08 -15.22 -11.96
CA LYS K 336 20.97 -14.24 -11.36
C LYS K 336 21.82 -13.64 -12.48
N ALA K 337 21.39 -12.50 -13.00
CA ALA K 337 22.05 -11.87 -14.13
C ALA K 337 22.66 -10.53 -13.73
N PRO K 338 23.84 -10.21 -14.24
CA PRO K 338 24.45 -8.91 -13.92
C PRO K 338 23.78 -7.76 -14.66
N SER K 339 24.02 -6.56 -14.14
CA SER K 339 23.45 -5.36 -14.76
C SER K 339 24.04 -5.12 -16.15
N SER K 340 25.30 -5.51 -16.36
CA SER K 340 25.88 -5.41 -17.69
C SER K 340 25.12 -6.26 -18.70
N TRP K 341 24.66 -7.43 -18.26
CA TRP K 341 23.81 -8.26 -19.12
C TRP K 341 22.48 -7.56 -19.40
N PHE K 342 21.91 -6.90 -18.39
CA PHE K 342 20.66 -6.18 -18.60
C PHE K 342 20.83 -5.04 -19.58
N ILE K 343 22.01 -4.41 -19.60
CA ILE K 343 22.26 -3.33 -20.55
C ILE K 343 22.53 -3.89 -21.95
N ASP K 344 23.26 -5.00 -22.03
CA ASP K 344 23.50 -5.61 -23.33
C ASP K 344 22.20 -6.14 -23.95
N CYS K 345 21.23 -6.50 -23.11
CA CYS K 345 19.92 -6.86 -23.62
C CYS K 345 19.29 -5.71 -24.40
N VAL K 346 19.28 -4.51 -23.82
CA VAL K 346 18.78 -3.35 -24.55
C VAL K 346 19.67 -3.04 -25.75
N MET K 347 20.97 -3.32 -25.64
CA MET K 347 21.85 -3.17 -26.79
C MET K 347 21.38 -4.00 -27.98
N SER K 348 21.07 -5.27 -27.75
CA SER K 348 20.68 -6.18 -28.81
C SER K 348 19.18 -6.38 -28.93
N PHE K 349 18.39 -5.84 -27.99
CA PHE K 349 16.94 -6.04 -27.95
C PHE K 349 16.59 -7.52 -27.96
N GLU K 350 17.32 -8.29 -27.15
CA GLU K 350 17.11 -9.73 -27.03
C GLU K 350 17.31 -10.13 -25.57
N LEU K 351 17.00 -11.40 -25.29
CA LEU K 351 17.25 -12.00 -23.99
C LEU K 351 18.36 -13.02 -24.18
N LEU K 352 19.60 -12.58 -23.99
CA LEU K 352 20.74 -13.44 -24.24
C LEU K 352 20.77 -14.58 -23.21
N PRO K 353 21.21 -15.77 -23.61
CA PRO K 353 21.26 -16.89 -22.66
C PRO K 353 22.36 -16.68 -21.63
N LEU K 354 22.32 -17.53 -20.61
CA LEU K 354 23.30 -17.46 -19.52
C LEU K 354 23.84 -18.86 -19.19
N MET L 11 14.67 -32.97 -17.15
CA MET L 11 13.45 -32.68 -16.42
C MET L 11 13.42 -33.41 -15.08
N GLN L 12 13.68 -32.69 -14.00
CA GLN L 12 13.67 -33.25 -12.66
C GLN L 12 12.98 -32.28 -11.71
N ILE L 13 12.40 -32.82 -10.65
CA ILE L 13 11.70 -32.04 -9.65
C ILE L 13 12.39 -32.23 -8.30
N PHE L 14 11.96 -31.43 -7.33
CA PHE L 14 12.50 -31.47 -5.97
C PHE L 14 11.35 -31.77 -5.01
N VAL L 15 11.27 -33.00 -4.53
CA VAL L 15 10.24 -33.40 -3.58
C VAL L 15 10.78 -33.11 -2.17
N LYS L 16 10.17 -32.12 -1.53
CA LYS L 16 10.60 -31.70 -0.16
C LYS L 16 9.71 -32.39 0.87
N THR L 17 10.30 -33.26 1.69
CA THR L 17 9.57 -33.93 2.79
C THR L 17 9.49 -32.99 3.99
N LEU L 18 8.60 -33.29 4.93
CA LEU L 18 8.30 -32.33 6.05
C LEU L 18 9.55 -32.14 6.91
N THR L 19 10.50 -33.09 6.86
CA THR L 19 11.74 -32.94 7.58
C THR L 19 12.69 -31.93 6.95
N GLY L 20 12.40 -31.46 5.74
CA GLY L 20 13.23 -30.50 5.05
C GLY L 20 14.21 -31.10 4.06
N LYS L 21 14.36 -32.42 4.03
CA LYS L 21 15.27 -33.07 3.11
C LYS L 21 14.60 -33.22 1.75
N THR L 22 15.21 -32.67 0.72
CA THR L 22 14.69 -32.73 -0.64
C THR L 22 15.44 -33.77 -1.45
N ILE L 23 14.75 -34.33 -2.45
CA ILE L 23 15.31 -35.36 -3.31
C ILE L 23 15.05 -34.99 -4.76
N THR L 24 15.94 -35.46 -5.64
CA THR L 24 15.83 -35.24 -7.08
C THR L 24 15.52 -36.55 -7.78
N LEU L 25 14.63 -36.50 -8.76
CA LEU L 25 14.22 -37.70 -9.48
C LEU L 25 13.76 -37.32 -10.87
N GLU L 26 14.03 -38.20 -11.83
CA GLU L 26 13.68 -37.93 -13.22
C GLU L 26 12.17 -37.97 -13.42
N VAL L 27 11.66 -37.02 -14.19
CA VAL L 27 10.23 -36.88 -14.45
C VAL L 27 10.02 -36.73 -15.96
N GLU L 28 8.98 -37.36 -16.47
CA GLU L 28 8.60 -37.15 -17.87
C GLU L 28 7.71 -35.93 -17.97
N PRO L 29 7.94 -35.03 -18.95
CA PRO L 29 7.12 -33.82 -19.03
C PRO L 29 5.67 -34.06 -19.41
N SER L 30 5.28 -35.30 -19.71
CA SER L 30 3.91 -35.59 -20.12
C SER L 30 3.29 -36.77 -19.38
N ASP L 31 3.91 -37.22 -18.29
CA ASP L 31 3.39 -38.36 -17.55
C ASP L 31 2.33 -37.90 -16.53
N THR L 32 1.77 -38.86 -15.81
CA THR L 32 0.79 -38.59 -14.78
C THR L 32 1.45 -38.65 -13.41
N ILE L 33 0.65 -38.54 -12.35
CA ILE L 33 1.19 -38.53 -11.00
C ILE L 33 1.43 -39.93 -10.46
N GLU L 34 0.76 -40.94 -11.02
CA GLU L 34 0.87 -42.30 -10.48
C GLU L 34 2.29 -42.84 -10.57
N ASN L 35 2.91 -42.73 -11.75
CA ASN L 35 4.23 -43.32 -11.96
C ASN L 35 5.30 -42.58 -11.16
N VAL L 36 5.24 -41.24 -11.13
CA VAL L 36 6.24 -40.49 -10.38
C VAL L 36 6.02 -40.66 -8.88
N LYS L 37 4.78 -40.94 -8.46
CA LYS L 37 4.53 -41.23 -7.05
C LYS L 37 5.07 -42.61 -6.68
N ALA L 38 4.94 -43.59 -7.58
CA ALA L 38 5.53 -44.89 -7.36
C ALA L 38 7.04 -44.87 -7.45
N LYS L 39 7.62 -43.87 -8.14
CA LYS L 39 9.07 -43.77 -8.23
C LYS L 39 9.69 -43.39 -6.89
N ILE L 40 8.91 -42.71 -6.05
CA ILE L 40 9.42 -42.30 -4.70
C ILE L 40 9.66 -43.56 -3.87
N GLN L 41 8.91 -44.63 -4.13
CA GLN L 41 9.15 -45.88 -3.42
C GLN L 41 10.53 -46.45 -3.73
N ASP L 42 11.06 -46.15 -4.92
CA ASP L 42 12.41 -46.57 -5.28
C ASP L 42 13.48 -45.65 -4.71
N LYS L 43 13.09 -44.55 -4.07
CA LYS L 43 14.03 -43.60 -3.48
C LYS L 43 14.06 -43.69 -1.96
N GLU L 44 12.89 -43.67 -1.31
CA GLU L 44 12.83 -43.71 0.14
C GLU L 44 11.88 -44.78 0.68
N GLY L 45 11.26 -45.58 -0.20
CA GLY L 45 10.36 -46.63 0.26
C GLY L 45 9.06 -46.12 0.82
N ILE L 46 8.49 -45.07 0.24
CA ILE L 46 7.24 -44.51 0.70
C ILE L 46 6.09 -45.20 -0.05
N PRO L 47 5.07 -45.78 0.64
CA PRO L 47 3.91 -46.39 -0.03
C PRO L 47 3.08 -45.42 -0.86
N PRO L 48 2.71 -45.76 -2.11
CA PRO L 48 2.01 -44.83 -2.99
C PRO L 48 0.63 -44.40 -2.47
N ASP L 49 -0.10 -45.30 -1.81
CA ASP L 49 -1.48 -44.95 -1.38
C ASP L 49 -1.44 -43.73 -0.47
N GLN L 50 -0.47 -43.68 0.45
CA GLN L 50 -0.42 -42.55 1.41
C GLN L 50 0.81 -41.68 1.15
N GLN L 51 0.90 -41.05 -0.02
CA GLN L 51 2.01 -40.09 -0.26
C GLN L 51 1.49 -38.66 -0.21
N ARG L 52 0.37 -38.37 -0.88
CA ARG L 52 -0.26 -37.02 -0.81
C ARG L 52 0.73 -35.88 -1.13
N LEU L 53 1.34 -35.87 -2.31
CA LEU L 53 2.26 -34.75 -2.69
C LEU L 53 1.48 -33.45 -2.89
N ILE L 54 2.09 -32.30 -2.59
CA ILE L 54 1.42 -30.98 -2.69
C ILE L 54 2.33 -30.05 -3.50
N PHE L 55 1.77 -29.18 -4.35
CA PHE L 55 2.57 -28.19 -5.11
C PHE L 55 1.79 -26.90 -5.26
N ALA L 56 2.44 -25.76 -5.01
CA ALA L 56 1.80 -24.45 -5.24
C ALA L 56 0.49 -24.32 -4.45
N GLY L 57 0.42 -24.93 -3.27
CA GLY L 57 -0.77 -24.86 -2.45
C GLY L 57 -1.90 -25.76 -2.86
N LYS L 58 -1.72 -26.46 -3.99
CA LYS L 58 -2.76 -27.39 -4.49
C LYS L 58 -2.51 -28.79 -3.91
N GLN L 59 -3.44 -29.72 -4.13
CA GLN L 59 -3.31 -31.07 -3.53
C GLN L 59 -2.79 -32.05 -4.58
N LEU L 60 -3.01 -31.81 -5.87
CA LEU L 60 -2.41 -32.67 -6.90
C LEU L 60 -2.81 -34.14 -6.70
N GLU L 61 -4.12 -34.38 -6.82
CA GLU L 61 -4.64 -35.72 -6.72
C GLU L 61 -4.30 -36.53 -7.96
N ASP L 62 -4.27 -37.85 -7.79
CA ASP L 62 -3.91 -38.74 -8.89
C ASP L 62 -4.97 -38.72 -9.98
N GLY L 63 -4.59 -39.20 -11.17
CA GLY L 63 -5.45 -39.27 -12.32
C GLY L 63 -5.15 -38.23 -13.38
N ARG L 64 -4.58 -37.09 -12.98
CA ARG L 64 -4.25 -36.02 -13.90
C ARG L 64 -2.75 -35.95 -14.12
N THR L 65 -2.37 -35.52 -15.32
CA THR L 65 -0.96 -35.42 -15.68
C THR L 65 -0.30 -34.26 -14.94
N LEU L 66 1.03 -34.26 -14.94
CA LEU L 66 1.77 -33.21 -14.25
C LEU L 66 1.77 -31.91 -15.04
N SER L 67 1.63 -31.98 -16.36
CA SER L 67 1.55 -30.77 -17.17
C SER L 67 0.27 -29.99 -16.93
N ASP L 68 -0.73 -30.61 -16.29
CA ASP L 68 -1.94 -29.89 -15.94
C ASP L 68 -1.66 -28.83 -14.87
N TYR L 69 -0.83 -29.17 -13.88
CA TYR L 69 -0.46 -28.23 -12.84
C TYR L 69 0.70 -27.33 -13.25
N ASN L 70 1.18 -27.44 -14.48
CA ASN L 70 2.26 -26.60 -15.00
C ASN L 70 3.53 -26.73 -14.16
N ILE L 71 3.89 -27.96 -13.83
CA ILE L 71 5.13 -28.23 -13.10
C ILE L 71 6.28 -28.24 -14.09
N GLN L 72 7.10 -27.20 -14.09
CA GLN L 72 8.20 -27.17 -15.08
C GLN L 72 9.44 -27.82 -14.45
N LYS L 73 10.62 -27.54 -15.00
CA LYS L 73 11.85 -28.15 -14.53
C LYS L 73 12.30 -27.52 -13.22
N GLU L 74 12.79 -28.36 -12.30
CA GLU L 74 13.32 -27.93 -11.00
C GLU L 74 12.27 -27.22 -10.17
N SER L 75 11.01 -27.64 -10.30
CA SER L 75 9.93 -27.11 -9.48
C SER L 75 9.86 -27.88 -8.17
N THR L 76 10.11 -27.18 -7.06
CA THR L 76 10.14 -27.82 -5.75
C THR L 76 8.73 -28.15 -5.30
N LEU L 77 8.41 -29.43 -5.18
CA LEU L 77 7.12 -29.87 -4.70
C LEU L 77 7.18 -30.11 -3.19
N HIS L 78 6.10 -30.65 -2.64
CA HIS L 78 6.12 -31.03 -1.21
C HIS L 78 5.57 -32.46 -1.11
N LEU L 79 5.57 -33.04 0.10
CA LEU L 79 5.06 -34.42 0.29
C LEU L 79 4.71 -34.60 1.76
N VAL L 80 3.44 -34.45 2.10
CA VAL L 80 2.98 -34.71 3.49
C VAL L 80 2.36 -36.10 3.54
N LEU L 81 2.69 -36.88 4.57
CA LEU L 81 2.16 -38.26 4.72
C LEU L 81 1.05 -38.24 5.77
N ARG L 82 -0.03 -39.00 5.55
CA ARG L 82 -1.15 -39.09 6.51
C ARG L 82 -0.63 -39.61 7.86
N LEU L 83 -1.29 -39.18 8.95
CA LEU L 83 -0.68 -39.13 10.31
C LEU L 83 -0.55 -40.55 10.89
N ARG L 84 -0.77 -41.56 10.04
CA ARG L 84 -0.81 -42.98 10.45
C ARG L 84 0.57 -43.62 10.30
N GLY L 85 1.49 -42.99 9.55
CA GLY L 85 2.82 -43.55 9.39
C GLY L 85 3.90 -42.50 9.38
N CYS L 86 3.54 -41.26 9.69
CA CYS L 86 4.49 -40.15 9.68
C CYS L 86 5.43 -40.23 10.88
#